data_7X9E
#
_entry.id   7X9E
#
_cell.length_a   130.356
_cell.length_b   84.515
_cell.length_c   87.114
_cell.angle_alpha   90.000
_cell.angle_beta   90.000
_cell.angle_gamma   90.000
#
_symmetry.space_group_name_H-M   'P 21 21 2'
#
loop_
_entity.id
_entity.type
_entity.pdbx_description
1 polymer '76E1 Fab Heavy Chain'
2 polymer '76E1 Fab Light Chain'
3 polymer 'Spike peptide'
4 water water
#
loop_
_entity_poly.entity_id
_entity_poly.type
_entity_poly.pdbx_seq_one_letter_code
_entity_poly.pdbx_strand_id
1 'polypeptide(L)'
;EVQLVESGGGVVQPGGSLRLSCEASGFSFKDYGMHWIRQTPGKGLEWISRISGDTRGTSYVDSVKGRFIVSRDNSRNSLF
LQMNSLRSEDTALYYCAALVIVAAGDDFDLWGQGTVVTVSSASTKGPSVFPLAPSSKSTSGGTAALGCLVKDYFPEPVTV
SWNSGALTSGVHTFPAVLQSSGLYSLSSVVTVPSSSLGTQTYICNVNHKPSNTKVDKKVEP
;
A,C
2 'polypeptide(L)'
;QSALTQPLSVSGSPGQSVTISCTGSSSDIGSYNFVSWYRQYPGKAPKVMIYEVNKRPSGVPVRFSGSKSGNTASLTVSGL
QHEDEADYYCCSYGGRNNLIFGGGTKLTVLGQPKAAPSVTLFPPSSEELQANKATLVCLISDFYPGAVTVAWKADSSPVK
AGVETTTPSKQSNNKYAASSYLSLTPEQWKSHRSYSCQVTHEGSTVEKTVAPTECS
;
B,D
3 'polypeptide(L)' PSKPSKRSFIEDLLFNKVTLADAGF E,F
#
# COMPACT_ATOMS: atom_id res chain seq x y z
N VAL A 2 -42.95 -8.20 4.67
CA VAL A 2 -42.58 -6.90 4.10
C VAL A 2 -41.44 -7.07 3.08
N GLN A 3 -41.69 -6.69 1.83
CA GLN A 3 -40.82 -7.17 0.77
C GLN A 3 -40.82 -6.22 -0.43
N LEU A 4 -39.65 -6.11 -1.09
CA LEU A 4 -39.51 -5.45 -2.38
C LEU A 4 -38.91 -6.45 -3.37
N VAL A 5 -39.61 -6.67 -4.48
CA VAL A 5 -39.27 -7.75 -5.41
C VAL A 5 -38.96 -7.14 -6.77
N GLU A 6 -37.71 -7.25 -7.18
CA GLU A 6 -37.22 -6.65 -8.42
C GLU A 6 -37.17 -7.65 -9.57
N SER A 7 -37.09 -7.10 -10.78
CA SER A 7 -36.89 -7.87 -11.99
C SER A 7 -36.55 -6.88 -13.11
N GLY A 8 -36.28 -7.42 -14.29
CA GLY A 8 -36.11 -6.60 -15.48
C GLY A 8 -34.69 -6.45 -15.97
N GLY A 9 -33.71 -7.08 -15.33
CA GLY A 9 -32.33 -6.93 -15.70
C GLY A 9 -31.92 -7.85 -16.83
N GLY A 10 -30.62 -7.91 -17.05
CA GLY A 10 -30.10 -8.87 -17.97
C GLY A 10 -28.95 -8.29 -18.76
N VAL A 11 -28.64 -9.00 -19.83
CA VAL A 11 -27.57 -8.65 -20.75
C VAL A 11 -28.16 -7.80 -21.85
N VAL A 12 -27.59 -6.62 -22.05
CA VAL A 12 -28.13 -5.63 -22.97
C VAL A 12 -26.98 -5.03 -23.75
N GLN A 13 -27.25 -4.67 -24.92
CA GLN A 13 -26.20 -4.15 -25.79
C GLN A 13 -26.01 -2.65 -25.58
N PRO A 14 -24.80 -2.13 -25.77
CA PRO A 14 -24.58 -0.69 -25.59
C PRO A 14 -25.51 0.13 -26.47
N GLY A 15 -26.12 1.17 -25.87
CA GLY A 15 -27.22 1.86 -26.48
C GLY A 15 -28.57 1.26 -26.19
N GLY A 16 -28.62 0.01 -25.70
CA GLY A 16 -29.86 -0.69 -25.45
C GLY A 16 -30.77 -0.06 -24.41
N SER A 17 -31.94 -0.66 -24.18
CA SER A 17 -32.85 -0.22 -23.13
C SER A 17 -33.33 -1.39 -22.27
N LEU A 18 -33.42 -1.14 -20.97
CA LEU A 18 -34.05 -2.03 -20.02
C LEU A 18 -35.03 -1.22 -19.19
N ARG A 19 -36.08 -1.88 -18.68
CA ARG A 19 -36.96 -1.27 -17.69
C ARG A 19 -36.94 -2.14 -16.45
N LEU A 20 -36.30 -1.64 -15.40
CA LEU A 20 -36.24 -2.34 -14.13
C LEU A 20 -37.54 -2.14 -13.38
N SER A 21 -38.01 -3.21 -12.72
CA SER A 21 -39.25 -3.19 -11.94
C SER A 21 -38.94 -3.51 -10.48
N CYS A 22 -39.68 -2.85 -9.59
CA CYS A 22 -39.60 -3.13 -8.16
C CYS A 22 -41.04 -3.23 -7.68
N GLU A 23 -41.38 -4.36 -7.08
CA GLU A 23 -42.75 -4.66 -6.71
C GLU A 23 -42.84 -4.72 -5.19
N ALA A 24 -43.74 -3.91 -4.63
CA ALA A 24 -43.75 -3.66 -3.19
C ALA A 24 -44.97 -4.29 -2.56
N SER A 25 -44.74 -5.06 -1.50
CA SER A 25 -45.82 -5.61 -0.69
C SER A 25 -45.42 -5.49 0.78
N GLY A 26 -46.45 -5.44 1.64
CA GLY A 26 -46.27 -5.47 3.08
C GLY A 26 -46.38 -4.13 3.78
N PHE A 27 -46.39 -3.00 3.05
CA PHE A 27 -46.34 -1.68 3.66
C PHE A 27 -46.96 -0.64 2.74
N SER A 28 -47.23 0.53 3.30
CA SER A 28 -47.91 1.62 2.59
C SER A 28 -46.95 2.26 1.59
N PHE A 29 -46.97 1.75 0.35
CA PHE A 29 -45.96 2.12 -0.64
C PHE A 29 -45.96 3.62 -0.92
N LYS A 30 -47.14 4.23 -1.00
CA LYS A 30 -47.29 5.61 -1.46
C LYS A 30 -46.67 6.62 -0.49
N ASP A 31 -46.16 6.13 0.64
CA ASP A 31 -45.69 6.98 1.73
C ASP A 31 -44.19 7.00 1.85
N TYR A 32 -43.46 6.44 0.90
CA TYR A 32 -42.01 6.34 1.02
C TYR A 32 -41.36 6.82 -0.27
N GLY A 33 -40.36 7.69 -0.12
CA GLY A 33 -39.41 7.88 -1.19
C GLY A 33 -38.73 6.57 -1.54
N MET A 34 -38.43 6.41 -2.82
CA MET A 34 -37.80 5.20 -3.31
C MET A 34 -36.56 5.58 -4.10
N HIS A 35 -35.54 4.73 -4.02
CA HIS A 35 -34.30 5.01 -4.71
C HIS A 35 -33.87 3.79 -5.51
N TRP A 36 -33.00 4.05 -6.46
CA TRP A 36 -32.27 3.01 -7.16
C TRP A 36 -30.79 3.17 -6.83
N ILE A 37 -30.16 2.07 -6.42
CA ILE A 37 -28.75 2.03 -6.04
C ILE A 37 -28.13 0.86 -6.77
N ARG A 38 -26.97 1.08 -7.39
CA ARG A 38 -26.29 0.01 -8.10
C ARG A 38 -24.97 -0.28 -7.43
N GLN A 39 -24.50 -1.53 -7.54
CA GLN A 39 -23.35 -2.00 -6.79
C GLN A 39 -22.31 -2.55 -7.76
N THR A 40 -21.08 -2.08 -7.61
CA THR A 40 -19.91 -2.58 -8.32
C THR A 40 -18.72 -2.50 -7.39
N PRO A 41 -17.68 -3.30 -7.62
CA PRO A 41 -16.45 -3.10 -6.84
C PRO A 41 -15.50 -2.02 -7.39
N GLY A 44 -18.15 0.80 -5.00
CA GLY A 44 -18.94 0.02 -4.05
C GLY A 44 -20.45 0.10 -4.30
N LEU A 45 -21.17 0.82 -3.46
CA LEU A 45 -22.52 1.23 -3.77
C LEU A 45 -22.49 2.66 -4.33
N GLU A 46 -23.35 2.90 -5.32
CA GLU A 46 -23.48 4.17 -6.00
C GLU A 46 -24.96 4.50 -6.06
N TRP A 47 -25.33 5.67 -5.52
CA TRP A 47 -26.70 6.14 -5.60
C TRP A 47 -26.99 6.73 -6.98
N ILE A 48 -28.10 6.30 -7.57
CA ILE A 48 -28.46 6.65 -8.94
C ILE A 48 -29.62 7.64 -8.98
N SER A 49 -30.68 7.38 -8.22
CA SER A 49 -31.95 8.06 -8.45
C SER A 49 -32.87 7.95 -7.24
N ARG A 50 -33.83 8.87 -7.18
CA ARG A 50 -34.85 8.93 -6.12
C ARG A 50 -36.16 9.47 -6.69
N ILE A 51 -37.28 8.91 -6.24
CA ILE A 51 -38.59 9.48 -6.51
C ILE A 51 -39.36 9.62 -5.19
N SER A 52 -40.11 10.70 -5.07
CA SER A 52 -40.89 10.95 -3.88
C SER A 52 -42.09 10.02 -3.84
N GLY A 53 -42.67 9.87 -2.63
CA GLY A 53 -43.86 9.05 -2.48
C GLY A 53 -45.01 9.52 -3.35
N ASP A 54 -45.25 10.83 -3.38
CA ASP A 54 -46.36 11.35 -4.16
C ASP A 54 -45.99 11.60 -5.61
N THR A 55 -44.90 10.98 -6.08
CA THR A 55 -44.42 10.98 -7.47
C THR A 55 -44.01 12.37 -7.97
N ARG A 56 -44.20 13.40 -7.15
CA ARG A 56 -44.06 14.77 -7.66
C ARG A 56 -42.60 15.14 -7.95
N GLY A 57 -41.65 14.52 -7.26
CA GLY A 57 -40.25 14.97 -7.34
C GLY A 57 -39.19 13.90 -7.49
N THR A 58 -38.32 14.07 -8.49
CA THR A 58 -37.32 13.08 -8.87
C THR A 58 -35.91 13.67 -8.85
N SER A 59 -34.92 12.82 -8.56
CA SER A 59 -33.51 13.19 -8.61
C SER A 59 -32.76 12.14 -9.40
N TYR A 60 -31.62 12.57 -9.96
CA TYR A 60 -30.71 11.71 -10.70
C TYR A 60 -29.28 12.14 -10.39
N VAL A 61 -28.38 11.17 -10.29
CA VAL A 61 -26.97 11.48 -10.42
C VAL A 61 -26.69 11.91 -11.87
N ASP A 62 -25.66 12.75 -12.04
CA ASP A 62 -25.44 13.41 -13.33
C ASP A 62 -25.19 12.43 -14.47
N SER A 63 -24.40 11.38 -14.24
CA SER A 63 -24.03 10.48 -15.33
C SER A 63 -25.25 9.81 -15.97
N VAL A 64 -26.34 9.63 -15.21
CA VAL A 64 -27.54 9.03 -15.75
C VAL A 64 -28.60 10.05 -16.17
N LYS A 65 -28.38 11.34 -15.91
CA LYS A 65 -29.34 12.36 -16.32
C LYS A 65 -29.50 12.35 -17.83
N GLY A 66 -30.74 12.49 -18.29
CA GLY A 66 -31.07 12.38 -19.69
C GLY A 66 -31.36 10.97 -20.18
N ARG A 67 -30.68 9.96 -19.63
CA ARG A 67 -30.73 8.60 -20.13
C ARG A 67 -31.67 7.67 -19.36
N PHE A 68 -31.76 7.80 -18.03
CA PHE A 68 -32.67 7.04 -17.17
C PHE A 68 -33.84 7.91 -16.72
N ILE A 69 -34.99 7.29 -16.48
CA ILE A 69 -36.13 8.00 -15.90
C ILE A 69 -36.79 7.10 -14.86
N VAL A 70 -36.90 7.61 -13.62
CA VAL A 70 -37.56 6.91 -12.53
C VAL A 70 -39.06 7.19 -12.60
N SER A 71 -39.85 6.17 -12.27
CA SER A 71 -41.29 6.37 -12.19
C SER A 71 -41.82 5.34 -11.22
N ARG A 72 -43.02 5.62 -10.71
CA ARG A 72 -43.71 4.69 -9.83
C ARG A 72 -45.18 4.65 -10.18
N ASP A 73 -45.84 3.60 -9.70
CA ASP A 73 -47.27 3.38 -9.91
C ASP A 73 -47.84 2.98 -8.54
N ASN A 74 -48.27 3.99 -7.77
CA ASN A 74 -48.75 3.71 -6.42
C ASN A 74 -49.97 2.78 -6.41
N SER A 75 -50.80 2.82 -7.46
CA SER A 75 -51.96 1.95 -7.47
C SER A 75 -51.61 0.48 -7.60
N ARG A 76 -50.35 0.15 -7.89
CA ARG A 76 -49.92 -1.23 -8.01
C ARG A 76 -48.63 -1.49 -7.24
N ASN A 77 -48.23 -0.55 -6.38
CA ASN A 77 -47.07 -0.71 -5.51
C ASN A 77 -45.81 -1.04 -6.31
N SER A 78 -45.60 -0.30 -7.39
CA SER A 78 -44.55 -0.57 -8.35
C SER A 78 -43.63 0.63 -8.55
N LEU A 79 -42.34 0.32 -8.69
CA LEU A 79 -41.29 1.29 -8.91
C LEU A 79 -40.55 0.89 -10.17
N PHE A 80 -40.22 1.87 -11.02
CA PHE A 80 -39.60 1.56 -12.31
C PHE A 80 -38.37 2.41 -12.55
N LEU A 81 -37.45 1.86 -13.34
CA LEU A 81 -36.28 2.59 -13.82
C LEU A 81 -36.16 2.29 -15.33
N GLN A 82 -36.73 3.16 -16.14
CA GLN A 82 -36.52 3.04 -17.58
C GLN A 82 -35.10 3.49 -17.89
N MET A 83 -34.26 2.55 -18.32
CA MET A 83 -32.87 2.84 -18.66
C MET A 83 -32.73 2.85 -20.19
N ASN A 84 -32.45 4.02 -20.76
CA ASN A 84 -32.15 4.13 -22.18
C ASN A 84 -30.68 4.47 -22.39
N SER A 85 -30.20 4.17 -23.60
CA SER A 85 -28.86 4.58 -24.04
C SER A 85 -27.78 4.05 -23.10
N LEU A 86 -27.78 2.75 -22.88
CA LEU A 86 -26.93 2.18 -21.85
C LEU A 86 -25.46 2.22 -22.23
N ARG A 87 -24.60 2.36 -21.21
CA ARG A 87 -23.16 2.37 -21.40
C ARG A 87 -22.52 1.22 -20.64
N SER A 88 -21.29 0.88 -21.05
CA SER A 88 -20.52 -0.11 -20.31
C SER A 88 -20.49 0.24 -18.83
N GLU A 89 -20.22 1.51 -18.52
CA GLU A 89 -20.14 1.98 -17.14
C GLU A 89 -21.42 1.73 -16.35
N ASP A 90 -22.54 1.43 -17.02
CA ASP A 90 -23.79 1.15 -16.32
C ASP A 90 -23.91 -0.28 -15.79
N THR A 91 -22.99 -1.16 -16.15
CA THR A 91 -23.05 -2.54 -15.68
C THR A 91 -22.93 -2.60 -14.16
N ALA A 92 -23.98 -3.09 -13.49
CA ALA A 92 -23.97 -3.17 -12.03
C ALA A 92 -25.12 -4.03 -11.55
N LEU A 93 -25.10 -4.32 -10.25
CA LEU A 93 -26.24 -4.89 -9.53
C LEU A 93 -27.12 -3.75 -9.03
N TYR A 94 -28.34 -3.63 -9.57
CA TYR A 94 -29.22 -2.51 -9.26
C TYR A 94 -30.21 -2.91 -8.16
N TYR A 95 -30.18 -2.19 -7.04
CA TYR A 95 -31.15 -2.32 -5.97
C TYR A 95 -32.17 -1.19 -6.06
N CYS A 96 -33.43 -1.49 -5.73
CA CYS A 96 -34.40 -0.47 -5.29
C CYS A 96 -34.48 -0.51 -3.78
N ALA A 97 -34.80 0.63 -3.16
CA ALA A 97 -34.79 0.71 -1.70
C ALA A 97 -35.59 1.89 -1.19
N ALA A 98 -36.31 1.67 -0.09
CA ALA A 98 -36.79 2.73 0.78
C ALA A 98 -35.72 2.93 1.85
N LEU A 99 -35.11 4.11 1.87
CA LEU A 99 -34.01 4.39 2.79
C LEU A 99 -34.45 5.35 3.88
N VAL A 100 -34.16 5.00 5.14
CA VAL A 100 -34.27 5.94 6.23
C VAL A 100 -33.05 6.86 6.15
N ILE A 101 -33.23 8.04 5.58
CA ILE A 101 -32.24 9.08 5.69
C ILE A 101 -32.62 10.09 6.78
N VAL A 102 -33.86 10.51 6.81
CA VAL A 102 -34.39 11.27 7.93
C VAL A 102 -35.58 10.47 8.47
N ALA A 103 -35.50 10.07 9.73
CA ALA A 103 -36.46 9.10 10.25
C ALA A 103 -37.76 9.77 10.68
N ALA A 104 -37.68 10.94 11.32
CA ALA A 104 -38.86 11.65 11.81
C ALA A 104 -39.81 10.71 12.55
N GLY A 105 -39.21 9.80 13.34
CA GLY A 105 -39.93 8.80 14.08
C GLY A 105 -40.23 7.50 13.34
N ASP A 106 -39.72 7.32 12.13
CA ASP A 106 -40.07 6.19 11.29
C ASP A 106 -38.77 5.64 10.68
N ASP A 107 -38.29 4.52 11.21
CA ASP A 107 -36.99 3.97 10.83
C ASP A 107 -37.11 2.88 9.76
N PHE A 108 -38.22 2.86 9.03
CA PHE A 108 -38.42 1.93 7.92
C PHE A 108 -37.33 2.08 6.89
N ASP A 109 -36.71 0.95 6.53
CA ASP A 109 -35.61 0.89 5.57
C ASP A 109 -35.70 -0.48 4.91
N LEU A 110 -35.86 -0.53 3.59
CA LEU A 110 -36.06 -1.82 2.93
C LEU A 110 -35.47 -1.83 1.53
N TRP A 111 -34.68 -2.87 1.22
CA TRP A 111 -34.07 -3.10 -0.09
C TRP A 111 -34.63 -4.35 -0.78
N GLY A 112 -34.69 -4.31 -2.12
CA GLY A 112 -34.96 -5.50 -2.91
C GLY A 112 -33.75 -6.40 -3.06
N GLN A 113 -33.91 -7.50 -3.78
CA GLN A 113 -32.85 -8.52 -3.81
C GLN A 113 -31.80 -8.26 -4.87
N GLY A 114 -31.92 -7.18 -5.63
CA GLY A 114 -30.99 -6.90 -6.70
C GLY A 114 -31.40 -7.55 -8.01
N THR A 115 -30.89 -6.97 -9.10
CA THR A 115 -31.07 -7.50 -10.45
C THR A 115 -29.87 -7.03 -11.25
N VAL A 116 -29.22 -7.95 -11.96
CA VAL A 116 -27.94 -7.68 -12.59
C VAL A 116 -28.18 -7.09 -13.98
N VAL A 117 -27.54 -5.95 -14.25
CA VAL A 117 -27.52 -5.38 -15.59
C VAL A 117 -26.08 -5.44 -16.11
N THR A 118 -25.89 -6.11 -17.25
CA THR A 118 -24.60 -6.20 -17.91
C THR A 118 -24.74 -5.62 -19.32
N VAL A 119 -23.98 -4.59 -19.62
CA VAL A 119 -24.03 -3.92 -20.92
C VAL A 119 -22.89 -4.47 -21.76
N SER A 120 -23.26 -5.30 -22.73
CA SER A 120 -22.25 -5.97 -23.54
C SER A 120 -22.76 -6.29 -24.93
N SER A 121 -21.97 -5.88 -25.94
CA SER A 121 -22.08 -6.36 -27.31
C SER A 121 -21.12 -7.52 -27.39
N ALA A 122 -21.64 -8.73 -27.30
CA ALA A 122 -20.82 -9.91 -27.12
C ALA A 122 -21.66 -11.10 -27.47
N SER A 123 -21.33 -11.73 -28.58
CA SER A 123 -21.95 -12.96 -29.02
C SER A 123 -21.35 -14.13 -28.27
N THR A 124 -21.99 -15.30 -28.36
CA THR A 124 -21.36 -16.47 -27.80
C THR A 124 -20.04 -16.71 -28.53
N LYS A 125 -18.98 -16.94 -27.76
CA LYS A 125 -17.62 -16.97 -28.28
C LYS A 125 -16.83 -17.93 -27.41
N GLY A 126 -16.11 -18.85 -28.04
CA GLY A 126 -15.24 -19.73 -27.30
C GLY A 126 -13.93 -19.03 -27.05
N PRO A 127 -13.22 -19.45 -26.01
CA PRO A 127 -12.01 -18.75 -25.62
C PRO A 127 -10.82 -19.08 -26.52
N SER A 128 -9.91 -18.13 -26.60
CA SER A 128 -8.54 -18.39 -27.00
C SER A 128 -7.76 -18.84 -25.77
N VAL A 129 -7.02 -19.94 -25.88
CA VAL A 129 -6.28 -20.51 -24.77
C VAL A 129 -4.79 -20.32 -25.03
N PHE A 130 -4.15 -19.52 -24.21
CA PHE A 130 -2.72 -19.35 -24.36
C PHE A 130 -1.98 -20.01 -23.20
N PRO A 131 -0.79 -20.56 -23.43
CA PRO A 131 -0.06 -21.23 -22.35
C PRO A 131 0.71 -20.22 -21.51
N LEU A 132 0.70 -20.45 -20.21
CA LEU A 132 1.51 -19.68 -19.27
C LEU A 132 2.71 -20.54 -18.88
N ALA A 133 3.82 -20.35 -19.57
CA ALA A 133 5.01 -21.15 -19.33
C ALA A 133 5.78 -20.67 -18.10
N PRO A 134 6.44 -21.58 -17.36
CA PRO A 134 7.23 -21.27 -16.15
C PRO A 134 8.52 -20.48 -16.42
N GLY A 142 13.19 -27.07 -6.67
CA GLY A 142 12.11 -26.36 -6.00
C GLY A 142 10.76 -26.67 -6.60
N THR A 143 9.86 -25.68 -6.57
CA THR A 143 8.55 -25.81 -7.20
C THR A 143 8.43 -24.82 -8.34
N ALA A 144 7.68 -25.21 -9.38
CA ALA A 144 7.47 -24.37 -10.54
C ALA A 144 6.01 -24.40 -10.93
N ALA A 145 5.51 -23.24 -11.37
CA ALA A 145 4.12 -23.03 -11.71
C ALA A 145 3.97 -22.86 -13.21
N LEU A 146 2.86 -23.37 -13.74
CA LEU A 146 2.54 -23.19 -15.15
C LEU A 146 1.03 -23.14 -15.31
N GLY A 147 0.60 -22.51 -16.40
CA GLY A 147 -0.79 -22.13 -16.49
C GLY A 147 -1.36 -22.15 -17.89
N CYS A 148 -2.64 -21.80 -17.95
CA CYS A 148 -3.42 -21.66 -19.17
C CYS A 148 -4.23 -20.39 -19.03
N LEU A 149 -4.09 -19.49 -20.00
CA LEU A 149 -4.91 -18.29 -20.07
C LEU A 149 -6.11 -18.63 -20.93
N VAL A 150 -7.29 -18.55 -20.35
CA VAL A 150 -8.54 -18.81 -21.06
C VAL A 150 -9.16 -17.43 -21.29
N LYS A 151 -8.88 -16.84 -22.45
CA LYS A 151 -9.15 -15.43 -22.69
C LYS A 151 -10.32 -15.24 -23.65
N ASP A 152 -11.19 -14.28 -23.30
CA ASP A 152 -12.18 -13.69 -24.19
C ASP A 152 -13.26 -14.66 -24.67
N TYR A 153 -14.10 -15.13 -23.75
CA TYR A 153 -15.21 -16.01 -24.09
C TYR A 153 -16.49 -15.47 -23.48
N PHE A 154 -17.61 -16.03 -23.94
CA PHE A 154 -18.95 -15.63 -23.53
C PHE A 154 -19.97 -16.69 -23.96
N PRO A 155 -20.97 -17.01 -23.12
CA PRO A 155 -21.12 -16.59 -21.74
C PRO A 155 -20.35 -17.53 -20.83
N GLU A 156 -20.68 -17.56 -19.56
CA GLU A 156 -19.98 -18.51 -18.71
C GLU A 156 -20.65 -19.87 -18.77
N PRO A 157 -19.95 -20.95 -18.36
CA PRO A 157 -18.58 -21.00 -17.86
C PRO A 157 -17.68 -21.77 -18.78
N VAL A 158 -16.43 -21.91 -18.37
CA VAL A 158 -15.54 -22.86 -19.00
C VAL A 158 -15.18 -23.89 -17.93
N THR A 159 -14.65 -25.00 -18.38
CA THR A 159 -14.05 -26.00 -17.52
C THR A 159 -12.63 -26.25 -17.99
N VAL A 160 -11.72 -26.35 -17.02
CA VAL A 160 -10.32 -26.61 -17.29
C VAL A 160 -9.95 -27.89 -16.56
N SER A 161 -9.29 -28.79 -17.26
CA SER A 161 -8.60 -29.91 -16.65
C SER A 161 -7.19 -29.96 -17.23
N TRP A 162 -6.39 -30.89 -16.74
CA TRP A 162 -5.01 -30.99 -17.16
C TRP A 162 -4.67 -32.45 -17.45
N ASN A 163 -4.10 -32.69 -18.65
CA ASN A 163 -3.69 -34.04 -19.08
C ASN A 163 -4.88 -34.99 -19.12
N SER A 164 -6.01 -34.47 -19.62
CA SER A 164 -7.30 -35.16 -19.69
C SER A 164 -7.84 -35.52 -18.31
N GLY A 165 -7.55 -34.72 -17.29
CA GLY A 165 -8.05 -34.93 -15.95
C GLY A 165 -7.13 -35.70 -15.02
N ALA A 166 -6.01 -36.24 -15.54
CA ALA A 166 -5.09 -37.07 -14.78
C ALA A 166 -4.14 -36.28 -13.89
N LEU A 167 -4.00 -34.99 -14.13
CA LEU A 167 -3.29 -34.07 -13.24
C LEU A 167 -4.32 -33.21 -12.54
N THR A 168 -4.40 -33.35 -11.22
CA THR A 168 -5.37 -32.61 -10.41
C THR A 168 -4.77 -32.03 -9.13
N SER A 169 -3.69 -32.60 -8.62
CA SER A 169 -2.99 -32.05 -7.45
C SER A 169 -2.10 -30.90 -7.87
N GLY A 170 -2.26 -29.76 -7.20
CA GLY A 170 -1.62 -28.54 -7.62
C GLY A 170 -2.39 -27.72 -8.63
N VAL A 171 -3.52 -28.23 -9.15
CA VAL A 171 -4.36 -27.44 -10.05
C VAL A 171 -5.12 -26.41 -9.25
N HIS A 172 -5.03 -25.15 -9.65
CA HIS A 172 -5.86 -24.08 -9.09
C HIS A 172 -6.46 -23.34 -10.27
N THR A 173 -7.73 -23.61 -10.57
CA THR A 173 -8.46 -22.84 -11.58
C THR A 173 -9.17 -21.71 -10.84
N PHE A 174 -8.73 -20.49 -11.11
CA PHE A 174 -9.25 -19.29 -10.48
C PHE A 174 -10.57 -18.89 -11.13
N PRO A 175 -11.37 -18.10 -10.43
CA PRO A 175 -12.60 -17.55 -11.02
C PRO A 175 -12.30 -16.54 -12.12
N ALA A 176 -13.27 -16.33 -12.98
CA ALA A 176 -13.14 -15.48 -14.15
C ALA A 176 -13.41 -14.01 -13.82
N VAL A 177 -12.92 -13.12 -14.69
CA VAL A 177 -13.21 -11.69 -14.64
C VAL A 177 -14.10 -11.34 -15.82
N LEU A 178 -14.95 -10.33 -15.64
CA LEU A 178 -15.75 -9.77 -16.71
C LEU A 178 -15.04 -8.49 -17.16
N GLN A 179 -14.56 -8.49 -18.39
CA GLN A 179 -13.78 -7.38 -18.92
C GLN A 179 -14.71 -6.25 -19.36
N SER A 180 -14.06 -5.13 -19.75
CA SER A 180 -14.81 -4.00 -20.30
C SER A 180 -15.59 -4.43 -21.53
N SER A 181 -14.97 -5.27 -22.37
CA SER A 181 -15.49 -5.74 -23.64
C SER A 181 -16.68 -6.67 -23.50
N GLY A 182 -17.00 -7.12 -22.31
CA GLY A 182 -18.06 -8.09 -22.12
C GLY A 182 -17.63 -9.53 -22.21
N LEU A 183 -16.37 -9.81 -22.50
CA LEU A 183 -15.86 -11.17 -22.58
C LEU A 183 -15.17 -11.54 -21.27
N TYR A 184 -15.21 -12.83 -20.93
CA TYR A 184 -14.64 -13.34 -19.69
C TYR A 184 -13.26 -13.92 -19.94
N SER A 185 -12.41 -13.89 -18.91
CA SER A 185 -11.10 -14.54 -18.92
C SER A 185 -10.83 -15.14 -17.56
N LEU A 186 -10.37 -16.38 -17.55
CA LEU A 186 -9.87 -16.98 -16.32
C LEU A 186 -8.51 -17.60 -16.58
N SER A 187 -7.89 -18.07 -15.50
CA SER A 187 -6.62 -18.77 -15.59
C SER A 187 -6.68 -20.02 -14.74
N SER A 188 -6.00 -21.05 -15.20
CA SER A 188 -5.78 -22.26 -14.43
C SER A 188 -4.28 -22.43 -14.27
N VAL A 189 -3.82 -22.58 -13.04
CA VAL A 189 -2.40 -22.66 -12.77
C VAL A 189 -2.14 -23.93 -11.96
N VAL A 190 -1.09 -24.66 -12.32
CA VAL A 190 -0.71 -25.88 -11.63
C VAL A 190 0.76 -25.76 -11.21
N THR A 191 1.05 -26.12 -9.97
CA THR A 191 2.42 -26.23 -9.47
C THR A 191 2.85 -27.70 -9.54
N VAL A 192 3.87 -27.97 -10.36
CA VAL A 192 4.43 -29.30 -10.40
C VAL A 192 5.83 -29.22 -9.81
N PRO A 193 6.38 -30.32 -9.31
CA PRO A 193 7.80 -30.35 -8.94
C PRO A 193 8.63 -29.85 -10.11
N SER A 194 9.62 -28.99 -9.82
CA SER A 194 10.47 -28.44 -10.87
C SER A 194 11.06 -29.55 -11.72
N SER A 195 11.38 -30.69 -11.11
CA SER A 195 12.01 -31.81 -11.82
C SER A 195 11.11 -32.42 -12.90
N SER A 196 9.81 -32.14 -12.87
CA SER A 196 8.86 -32.77 -13.78
C SER A 196 8.78 -32.09 -15.14
N LEU A 197 9.50 -30.98 -15.35
CA LEU A 197 9.33 -30.18 -16.56
C LEU A 197 9.88 -30.88 -17.80
N GLY A 198 10.63 -31.97 -17.64
CA GLY A 198 11.08 -32.75 -18.77
C GLY A 198 10.38 -34.08 -18.84
N THR A 199 10.18 -34.71 -17.68
CA THR A 199 9.59 -36.05 -17.64
C THR A 199 8.14 -36.02 -18.11
N GLN A 200 7.40 -34.98 -17.75
CA GLN A 200 5.97 -34.94 -18.00
C GLN A 200 5.61 -33.94 -19.09
N THR A 201 4.61 -34.31 -19.89
CA THR A 201 3.98 -33.37 -20.79
C THR A 201 2.83 -32.71 -20.05
N TYR A 202 2.73 -31.39 -20.15
CA TYR A 202 1.69 -30.62 -19.46
C TYR A 202 0.77 -30.00 -20.50
N ILE A 203 -0.45 -30.55 -20.58
CA ILE A 203 -1.47 -30.11 -21.51
C ILE A 203 -2.69 -29.67 -20.71
N CYS A 204 -3.22 -28.48 -21.00
CA CYS A 204 -4.48 -28.07 -20.40
C CYS A 204 -5.62 -28.24 -21.41
N ASN A 205 -6.79 -28.62 -20.90
CA ASN A 205 -7.97 -28.94 -21.71
C ASN A 205 -9.07 -27.97 -21.32
N VAL A 206 -9.32 -26.98 -22.17
CA VAL A 206 -10.34 -25.99 -21.91
C VAL A 206 -11.58 -26.39 -22.68
N ASN A 207 -12.72 -26.36 -22.01
CA ASN A 207 -13.97 -26.75 -22.63
C ASN A 207 -15.02 -25.70 -22.32
N HIS A 208 -15.65 -25.19 -23.37
CA HIS A 208 -16.63 -24.11 -23.27
C HIS A 208 -17.89 -24.57 -23.97
N LYS A 209 -18.95 -24.83 -23.20
CA LYS A 209 -20.11 -25.52 -23.74
C LYS A 209 -21.07 -24.62 -24.54
N PRO A 210 -21.32 -23.36 -24.16
CA PRO A 210 -22.28 -22.56 -24.95
C PRO A 210 -21.89 -22.45 -26.40
N SER A 211 -20.60 -22.58 -26.71
CA SER A 211 -20.07 -22.40 -28.05
C SER A 211 -19.56 -23.71 -28.65
N ASN A 212 -19.74 -24.83 -27.97
CA ASN A 212 -19.19 -26.13 -28.40
C ASN A 212 -17.71 -26.00 -28.79
N THR A 213 -16.90 -25.61 -27.81
CA THR A 213 -15.48 -25.35 -28.03
C THR A 213 -14.65 -26.24 -27.10
N LYS A 214 -13.72 -26.99 -27.69
CA LYS A 214 -12.86 -27.91 -26.96
C LYS A 214 -11.43 -27.66 -27.45
N VAL A 215 -10.62 -27.00 -26.63
CA VAL A 215 -9.27 -26.59 -27.00
C VAL A 215 -8.26 -27.32 -26.13
N ASP A 216 -7.15 -27.73 -26.74
CA ASP A 216 -6.02 -28.28 -26.00
C ASP A 216 -4.77 -27.49 -26.35
N LYS A 217 -3.90 -27.29 -25.35
CA LYS A 217 -2.73 -26.43 -25.52
C LYS A 217 -1.57 -27.03 -24.73
N LYS A 218 -0.51 -27.39 -25.44
CA LYS A 218 0.75 -27.78 -24.79
C LYS A 218 1.31 -26.59 -24.03
N VAL A 219 1.62 -26.83 -22.75
CA VAL A 219 2.32 -25.86 -21.91
C VAL A 219 3.73 -26.40 -21.67
N GLU A 220 4.71 -25.77 -22.29
CA GLU A 220 6.08 -26.23 -22.28
C GLU A 220 7.02 -25.07 -21.96
N PRO A 221 8.08 -25.30 -21.18
CA PRO A 221 9.05 -24.24 -20.83
C PRO A 221 9.86 -23.72 -22.02
N ALA B 3 -17.26 8.77 -3.28
CA ALA B 3 -16.96 10.15 -2.84
C ALA B 3 -16.95 10.20 -1.34
N LEU B 4 -17.18 9.04 -0.74
CA LEU B 4 -17.11 8.85 0.71
C LEU B 4 -16.11 7.72 0.95
N THR B 5 -15.06 8.00 1.70
CA THR B 5 -13.93 7.08 1.77
C THR B 5 -14.02 6.18 3.00
N GLN B 6 -13.89 4.88 2.79
CA GLN B 6 -13.78 3.92 3.87
C GLN B 6 -12.50 3.11 3.68
N PRO B 7 -11.91 2.61 4.77
CA PRO B 7 -10.77 1.70 4.62
C PRO B 7 -11.21 0.42 3.95
N LEU B 8 -10.27 -0.23 3.26
CA LEU B 8 -10.63 -1.37 2.42
C LEU B 8 -11.19 -2.52 3.24
N SER B 9 -10.76 -2.64 4.50
CA SER B 9 -10.97 -3.84 5.27
C SER B 9 -10.47 -3.61 6.69
N VAL B 10 -11.09 -4.30 7.65
CA VAL B 10 -10.70 -4.19 9.04
C VAL B 10 -11.08 -5.51 9.70
N SER B 11 -10.39 -5.84 10.79
CA SER B 11 -10.56 -7.15 11.39
C SER B 11 -10.31 -7.10 12.90
N GLY B 12 -10.65 -8.21 13.55
CA GLY B 12 -10.51 -8.38 14.98
C GLY B 12 -11.04 -9.74 15.41
N SER B 13 -10.67 -10.18 16.57
CA SER B 13 -11.05 -11.49 17.10
C SER B 13 -12.39 -11.42 17.83
N PRO B 14 -13.03 -12.59 18.03
CA PRO B 14 -14.29 -12.62 18.80
C PRO B 14 -14.15 -11.95 20.15
N GLY B 15 -14.97 -10.93 20.39
CA GLY B 15 -14.92 -10.18 21.64
C GLY B 15 -14.15 -8.88 21.59
N GLN B 16 -13.43 -8.61 20.50
CA GLN B 16 -12.73 -7.34 20.40
C GLN B 16 -13.69 -6.26 19.89
N SER B 17 -13.22 -5.02 19.92
CA SER B 17 -13.96 -3.88 19.40
C SER B 17 -13.20 -3.34 18.20
N VAL B 18 -13.94 -3.02 17.14
CA VAL B 18 -13.35 -2.50 15.92
C VAL B 18 -14.15 -1.28 15.51
N THR B 19 -13.51 -0.38 14.79
CA THR B 19 -14.14 0.85 14.32
C THR B 19 -13.86 0.97 12.84
N ILE B 20 -14.88 1.41 12.10
CA ILE B 20 -14.80 1.67 10.67
C ILE B 20 -15.06 3.15 10.47
N SER B 21 -14.06 3.88 9.97
CA SER B 21 -14.22 5.29 9.66
C SER B 21 -14.87 5.47 8.28
N CYS B 22 -15.32 6.70 8.03
CA CYS B 22 -15.98 7.07 6.77
C CYS B 22 -15.81 8.57 6.58
N THR B 23 -14.94 8.95 5.64
CA THR B 23 -14.52 10.33 5.44
C THR B 23 -15.24 10.96 4.26
N GLY B 24 -15.96 12.04 4.51
CA GLY B 24 -16.54 12.83 3.48
C GLY B 24 -15.87 14.18 3.34
N SER B 25 -16.59 15.11 2.77
CA SER B 25 -16.17 16.50 2.68
C SER B 25 -16.98 17.33 3.66
N SER B 26 -16.76 18.60 3.71
CA SER B 26 -17.48 19.49 4.57
C SER B 26 -18.92 19.79 4.22
N SER B 27 -19.25 19.69 2.95
CA SER B 27 -20.57 19.98 2.52
C SER B 27 -21.55 18.84 2.60
N ASP B 28 -21.08 17.71 3.06
CA ASP B 28 -21.88 16.55 3.26
C ASP B 28 -21.84 16.04 4.70
N ILE B 29 -20.91 15.21 5.10
CA ILE B 29 -20.83 14.65 6.44
C ILE B 29 -20.67 15.73 7.47
N GLY B 30 -19.91 16.76 7.11
CA GLY B 30 -19.72 17.90 7.94
C GLY B 30 -20.90 18.82 8.01
N SER B 31 -21.89 18.67 7.21
CA SER B 31 -22.99 19.63 7.24
C SER B 31 -24.34 19.05 7.65
N TYR B 32 -24.53 17.74 7.59
CA TYR B 32 -25.81 17.16 7.99
C TYR B 32 -25.60 16.00 8.96
N ASN B 33 -26.66 15.69 9.71
CA ASN B 33 -26.70 14.48 10.54
C ASN B 33 -27.51 13.38 9.88
N PHE B 34 -27.27 13.18 8.59
CA PHE B 34 -27.95 12.15 7.83
C PHE B 34 -26.89 11.15 7.35
N VAL B 35 -26.29 10.44 8.31
CA VAL B 35 -25.29 9.42 8.03
C VAL B 35 -25.87 8.06 8.43
N SER B 36 -25.96 7.15 7.47
CA SER B 36 -26.40 5.80 7.78
C SER B 36 -25.33 4.78 7.42
N TRP B 37 -25.44 3.61 8.03
CA TRP B 37 -24.56 2.48 7.80
C TRP B 37 -25.39 1.27 7.39
N TYR B 38 -24.84 0.45 6.50
CA TYR B 38 -25.54 -0.74 6.02
C TYR B 38 -24.60 -1.93 6.10
N ARG B 39 -25.09 -3.02 6.67
CA ARG B 39 -24.40 -4.30 6.64
C ARG B 39 -24.91 -5.11 5.46
N GLN B 40 -24.00 -5.85 4.81
CA GLN B 40 -24.35 -6.66 3.65
C GLN B 40 -23.60 -7.97 3.74
N TYR B 41 -24.31 -9.02 3.74
CA TYR B 41 -23.78 -10.37 3.74
C TYR B 41 -23.58 -10.86 2.31
N PRO B 42 -22.63 -11.80 2.08
CA PRO B 42 -22.47 -12.39 0.74
C PRO B 42 -23.76 -12.89 0.14
N GLY B 43 -24.07 -12.36 -1.04
CA GLY B 43 -25.26 -12.77 -1.77
C GLY B 43 -26.56 -12.27 -1.21
N LYS B 44 -26.55 -11.18 -0.45
CA LYS B 44 -27.75 -10.62 0.16
C LYS B 44 -27.77 -9.10 -0.02
N ALA B 45 -28.86 -8.50 0.36
CA ALA B 45 -29.07 -7.07 0.20
C ALA B 45 -28.70 -6.32 1.47
N PRO B 46 -28.37 -5.05 1.35
CA PRO B 46 -28.00 -4.28 2.55
C PRO B 46 -29.15 -4.13 3.51
N LYS B 47 -28.81 -4.00 4.80
CA LYS B 47 -29.71 -3.80 5.92
C LYS B 47 -29.13 -2.65 6.75
N VAL B 48 -29.99 -1.75 7.23
CA VAL B 48 -29.47 -0.58 7.94
C VAL B 48 -29.11 -0.97 9.37
N MET B 49 -27.94 -0.52 9.79
CA MET B 49 -27.44 -0.71 11.14
C MET B 49 -27.56 0.53 11.98
N ILE B 50 -27.33 1.69 11.37
CA ILE B 50 -27.27 2.98 12.03
C ILE B 50 -27.75 4.04 11.04
N TYR B 51 -28.42 5.07 11.54
CA TYR B 51 -28.81 6.17 10.70
C TYR B 51 -28.83 7.41 11.59
N GLU B 52 -28.95 8.58 10.95
CA GLU B 52 -28.88 9.86 11.65
C GLU B 52 -27.69 9.90 12.61
N VAL B 53 -26.55 9.42 12.11
CA VAL B 53 -25.24 9.38 12.76
C VAL B 53 -25.14 8.35 13.88
N ASN B 54 -26.06 8.40 14.86
CA ASN B 54 -25.88 7.61 16.06
C ASN B 54 -27.13 6.84 16.49
N LYS B 55 -28.13 6.73 15.63
CA LYS B 55 -29.40 6.13 16.00
C LYS B 55 -29.47 4.71 15.47
N ARG B 56 -30.06 3.82 16.27
CA ARG B 56 -30.06 2.40 15.98
C ARG B 56 -31.47 1.85 15.93
N PRO B 57 -31.89 1.21 14.83
CA PRO B 57 -33.22 0.59 14.83
C PRO B 57 -33.25 -0.58 15.79
N SER B 58 -34.38 -0.75 16.48
CA SER B 58 -34.52 -1.91 17.36
C SER B 58 -34.34 -3.18 16.53
N GLY B 59 -33.59 -4.12 17.07
CA GLY B 59 -33.29 -5.30 16.28
C GLY B 59 -31.82 -5.39 15.94
N VAL B 60 -31.20 -4.24 15.66
CA VAL B 60 -29.75 -4.16 15.46
C VAL B 60 -29.08 -4.23 16.83
N PRO B 61 -28.14 -5.16 17.04
CA PRO B 61 -27.59 -5.38 18.38
C PRO B 61 -26.97 -4.12 18.97
N VAL B 62 -27.03 -4.04 20.30
CA VAL B 62 -26.57 -2.88 21.06
C VAL B 62 -25.08 -2.58 20.88
N ARG B 63 -24.33 -3.53 20.32
CA ARG B 63 -22.89 -3.35 20.19
C ARG B 63 -22.54 -2.49 18.99
N PHE B 64 -23.50 -2.26 18.12
CA PHE B 64 -23.35 -1.36 16.98
C PHE B 64 -23.67 0.06 17.41
N SER B 65 -22.71 0.95 17.20
CA SER B 65 -22.83 2.35 17.57
C SER B 65 -22.19 3.18 16.49
N GLY B 66 -22.75 4.36 16.24
CA GLY B 66 -22.23 5.28 15.26
C GLY B 66 -21.94 6.63 15.89
N SER B 67 -20.96 7.33 15.31
CA SER B 67 -20.59 8.65 15.79
C SER B 67 -20.02 9.44 14.61
N LYS B 68 -19.85 10.75 14.84
CA LYS B 68 -19.35 11.62 13.78
C LYS B 68 -18.42 12.65 14.39
N SER B 69 -17.29 12.91 13.73
CA SER B 69 -16.37 13.94 14.21
C SER B 69 -15.84 14.70 13.00
N GLY B 70 -16.20 15.99 12.90
CA GLY B 70 -15.79 16.77 11.74
C GLY B 70 -16.42 16.19 10.51
N ASN B 71 -15.60 15.87 9.51
CA ASN B 71 -16.10 15.31 8.25
C ASN B 71 -15.99 13.80 8.19
N THR B 72 -15.95 13.13 9.34
CA THR B 72 -15.69 11.69 9.41
C THR B 72 -16.70 11.04 10.36
N ALA B 73 -17.50 10.12 9.83
CA ALA B 73 -18.38 9.28 10.63
C ALA B 73 -17.67 7.98 10.95
N SER B 74 -18.13 7.30 12.00
CA SER B 74 -17.53 6.04 12.41
C SER B 74 -18.59 5.07 12.89
N LEU B 75 -18.39 3.81 12.53
CA LEU B 75 -19.18 2.70 13.03
C LEU B 75 -18.30 1.86 13.93
N THR B 76 -18.69 1.69 15.18
CA THR B 76 -17.97 0.84 16.11
C THR B 76 -18.78 -0.42 16.34
N VAL B 77 -18.12 -1.56 16.45
CA VAL B 77 -18.77 -2.83 16.75
C VAL B 77 -18.07 -3.39 17.98
N SER B 78 -18.66 -3.18 19.15
CA SER B 78 -18.11 -3.74 20.39
C SER B 78 -18.43 -5.23 20.49
N GLY B 79 -17.69 -5.93 21.35
CA GLY B 79 -17.78 -7.37 21.51
C GLY B 79 -18.06 -8.18 20.27
N LEU B 80 -17.07 -8.27 19.39
CA LEU B 80 -17.27 -8.82 18.04
C LEU B 80 -17.81 -10.25 18.05
N GLN B 81 -18.61 -10.58 17.06
CA GLN B 81 -19.14 -11.93 16.90
C GLN B 81 -19.01 -12.34 15.43
N HIS B 82 -18.93 -13.66 15.20
CA HIS B 82 -18.70 -14.15 13.85
C HIS B 82 -19.81 -13.72 12.90
N GLU B 83 -21.05 -13.65 13.40
CA GLU B 83 -22.17 -13.14 12.60
C GLU B 83 -22.02 -11.67 12.22
N ASP B 84 -21.05 -10.95 12.79
CA ASP B 84 -20.81 -9.56 12.42
C ASP B 84 -19.87 -9.43 11.20
N GLU B 85 -19.30 -10.53 10.73
CA GLU B 85 -18.46 -10.50 9.54
C GLU B 85 -19.31 -10.27 8.30
N ALA B 86 -18.94 -9.25 7.52
CA ALA B 86 -19.76 -8.74 6.43
C ALA B 86 -19.12 -7.52 5.81
N ASP B 87 -19.76 -6.95 4.80
CA ASP B 87 -19.35 -5.67 4.25
C ASP B 87 -20.26 -4.59 4.82
N TYR B 88 -19.65 -3.48 5.20
CA TYR B 88 -20.36 -2.35 5.77
C TYR B 88 -20.11 -1.13 4.91
N TYR B 89 -21.19 -0.47 4.51
CA TYR B 89 -21.15 0.74 3.68
C TYR B 89 -21.74 1.89 4.46
N CYS B 90 -21.02 3.02 4.49
CA CYS B 90 -21.59 4.24 5.03
C CYS B 90 -22.32 5.01 3.93
N CYS B 91 -23.20 5.90 4.37
CA CYS B 91 -24.05 6.68 3.51
C CYS B 91 -24.27 8.05 4.13
N SER B 92 -24.30 9.09 3.30
CA SER B 92 -24.62 10.42 3.80
C SER B 92 -25.50 11.16 2.81
N TYR B 93 -26.29 12.10 3.33
CA TYR B 93 -26.87 13.09 2.46
C TYR B 93 -25.75 13.88 1.81
N GLY B 94 -25.94 14.19 0.52
CA GLY B 94 -24.82 14.57 -0.30
C GLY B 94 -24.62 16.06 -0.46
N GLY B 95 -25.62 16.87 -0.10
CA GLY B 95 -25.52 18.31 -0.20
C GLY B 95 -26.38 18.95 -1.27
N ARG B 96 -26.73 18.22 -2.34
CA ARG B 96 -27.65 18.82 -3.31
C ARG B 96 -28.57 17.74 -3.88
N ASN B 97 -29.63 17.44 -3.12
CA ASN B 97 -30.72 16.55 -3.56
C ASN B 97 -30.17 15.19 -3.99
N ASN B 98 -29.55 14.52 -3.04
CA ASN B 98 -28.34 13.78 -3.33
C ASN B 98 -28.08 12.77 -2.25
N LEU B 99 -27.55 11.62 -2.64
CA LEU B 99 -27.06 10.65 -1.69
C LEU B 99 -25.72 10.13 -2.20
N ILE B 100 -24.74 9.99 -1.31
CA ILE B 100 -23.46 9.39 -1.66
C ILE B 100 -23.18 8.23 -0.71
N PHE B 101 -22.51 7.21 -1.24
CA PHE B 101 -22.13 6.03 -0.47
C PHE B 101 -20.62 5.87 -0.42
N GLY B 102 -20.15 5.19 0.62
CA GLY B 102 -18.76 4.77 0.69
C GLY B 102 -18.45 3.54 -0.17
N GLY B 103 -17.16 3.25 -0.30
CA GLY B 103 -16.71 2.15 -1.15
C GLY B 103 -16.82 0.79 -0.53
N GLY B 104 -17.12 0.72 0.75
CA GLY B 104 -17.23 -0.58 1.37
C GLY B 104 -16.01 -0.87 2.21
N THR B 105 -16.24 -1.63 3.28
CA THR B 105 -15.22 -2.13 4.18
C THR B 105 -15.59 -3.55 4.53
N LYS B 106 -14.62 -4.46 4.44
CA LYS B 106 -14.81 -5.86 4.77
C LYS B 106 -14.35 -6.06 6.20
N LEU B 107 -15.29 -6.38 7.09
CA LEU B 107 -14.99 -6.70 8.48
C LEU B 107 -14.87 -8.21 8.60
N THR B 108 -13.68 -8.68 8.97
CA THR B 108 -13.48 -10.11 9.19
C THR B 108 -13.38 -10.37 10.68
N VAL B 109 -14.16 -11.32 11.17
CA VAL B 109 -14.07 -11.81 12.54
C VAL B 109 -13.21 -13.08 12.50
N LEU B 110 -11.98 -12.99 13.00
CA LEU B 110 -10.93 -13.95 12.71
C LEU B 110 -11.13 -15.24 13.49
N GLY B 111 -11.00 -16.38 12.81
CA GLY B 111 -11.07 -17.67 13.48
C GLY B 111 -10.05 -18.64 12.90
N GLN B 112 -8.96 -18.07 12.42
CA GLN B 112 -7.94 -18.73 11.64
C GLN B 112 -6.73 -17.81 11.68
N PRO B 113 -5.52 -18.31 11.84
CA PRO B 113 -4.36 -17.42 11.80
C PRO B 113 -4.27 -16.75 10.45
N LYS B 114 -3.67 -15.56 10.44
CA LYS B 114 -3.49 -14.85 9.18
C LYS B 114 -2.49 -15.56 8.28
N ALA B 115 -2.60 -15.28 6.99
CA ALA B 115 -1.63 -15.78 6.04
C ALA B 115 -1.44 -14.71 4.98
N ALA B 116 -0.19 -14.31 4.76
CA ALA B 116 0.12 -13.43 3.65
C ALA B 116 -0.22 -14.17 2.35
N PRO B 117 -0.47 -13.44 1.26
CA PRO B 117 -0.72 -14.11 0.00
C PRO B 117 0.58 -14.59 -0.62
N SER B 118 0.46 -15.62 -1.44
CA SER B 118 1.50 -15.94 -2.40
C SER B 118 1.04 -15.49 -3.78
N VAL B 119 1.99 -14.99 -4.56
CA VAL B 119 1.68 -14.20 -5.73
C VAL B 119 2.51 -14.70 -6.90
N THR B 120 1.85 -15.02 -7.99
CA THR B 120 2.47 -15.52 -9.20
C THR B 120 2.09 -14.59 -10.34
N LEU B 121 3.10 -14.10 -11.06
CA LEU B 121 2.90 -13.18 -12.16
C LEU B 121 3.37 -13.84 -13.45
N PHE B 122 2.51 -13.83 -14.46
CA PHE B 122 2.84 -14.45 -15.73
C PHE B 122 2.94 -13.39 -16.82
N PRO B 123 4.03 -13.36 -17.58
CA PRO B 123 4.14 -12.41 -18.70
C PRO B 123 3.31 -12.86 -19.89
N PRO B 124 3.05 -11.96 -20.85
CA PRO B 124 2.33 -12.36 -22.05
C PRO B 124 2.99 -13.54 -22.75
N SER B 125 2.18 -14.47 -23.21
CA SER B 125 2.66 -15.62 -23.96
C SER B 125 3.20 -15.19 -25.33
N SER B 126 3.97 -16.08 -25.96
CA SER B 126 4.37 -15.89 -27.35
C SER B 126 3.16 -15.79 -28.27
N GLU B 127 2.22 -16.75 -28.12
CA GLU B 127 1.10 -16.81 -29.05
C GLU B 127 0.24 -15.56 -28.95
N GLU B 128 0.07 -15.02 -27.74
CA GLU B 128 -0.80 -13.86 -27.59
C GLU B 128 -0.17 -12.64 -28.24
N LEU B 129 1.15 -12.53 -28.16
CA LEU B 129 1.83 -11.42 -28.85
C LEU B 129 1.74 -11.61 -30.37
N GLN B 130 1.93 -12.84 -30.85
CA GLN B 130 1.60 -13.16 -32.24
C GLN B 130 0.22 -12.63 -32.59
N ALA B 131 -0.79 -13.02 -31.81
CA ALA B 131 -2.19 -12.63 -31.99
C ALA B 131 -2.42 -11.15 -31.71
N ASN B 132 -1.38 -10.40 -31.37
CA ASN B 132 -1.38 -8.94 -31.20
C ASN B 132 -1.90 -8.45 -29.85
N LYS B 133 -2.13 -9.31 -28.87
CA LYS B 133 -2.50 -8.86 -27.53
C LYS B 133 -1.35 -9.11 -26.58
N ALA B 134 -1.57 -8.71 -25.33
CA ALA B 134 -0.56 -8.82 -24.28
C ALA B 134 -1.30 -8.79 -22.96
N THR B 135 -1.30 -9.89 -22.22
CA THR B 135 -2.00 -9.95 -20.94
C THR B 135 -1.04 -10.39 -19.85
N LEU B 136 -0.87 -9.54 -18.84
CA LEU B 136 -0.14 -9.92 -17.64
C LEU B 136 -1.13 -10.50 -16.65
N VAL B 137 -0.77 -11.65 -16.09
CA VAL B 137 -1.65 -12.42 -15.25
C VAL B 137 -1.06 -12.46 -13.87
N CYS B 138 -1.74 -11.83 -12.91
CA CYS B 138 -1.34 -11.86 -11.51
C CYS B 138 -2.25 -12.81 -10.76
N LEU B 139 -1.71 -13.87 -10.19
CA LEU B 139 -2.50 -14.84 -9.44
C LEU B 139 -2.08 -14.83 -7.98
N ILE B 140 -3.08 -14.74 -7.09
CA ILE B 140 -2.89 -14.44 -5.67
C ILE B 140 -3.57 -15.52 -4.84
N SER B 141 -2.85 -16.16 -3.95
CA SER B 141 -3.42 -17.30 -3.25
C SER B 141 -3.13 -17.26 -1.75
N ASP B 142 -4.08 -17.83 -1.00
CA ASP B 142 -3.87 -18.36 0.35
C ASP B 142 -3.80 -17.29 1.42
N PHE B 143 -4.36 -16.11 1.18
CA PHE B 143 -4.29 -15.04 2.16
C PHE B 143 -5.55 -15.06 3.00
N TYR B 144 -5.41 -14.59 4.25
CA TYR B 144 -6.51 -14.46 5.17
C TYR B 144 -6.16 -13.32 6.13
N PRO B 145 -7.08 -12.37 6.36
CA PRO B 145 -8.42 -12.34 5.79
C PRO B 145 -8.46 -12.11 4.28
N GLY B 146 -9.62 -12.37 3.68
CA GLY B 146 -9.80 -12.22 2.24
C GLY B 146 -9.99 -10.80 1.80
N ALA B 147 -8.91 -10.04 1.85
CA ALA B 147 -8.97 -8.62 1.55
C ALA B 147 -7.55 -8.21 1.20
N VAL B 148 -7.38 -7.61 0.02
CA VAL B 148 -6.05 -7.44 -0.56
C VAL B 148 -6.10 -6.26 -1.51
N THR B 149 -4.99 -5.54 -1.64
CA THR B 149 -4.89 -4.41 -2.54
C THR B 149 -3.88 -4.71 -3.63
N VAL B 150 -4.31 -4.55 -4.89
CA VAL B 150 -3.53 -4.95 -6.05
C VAL B 150 -3.04 -3.69 -6.75
N ALA B 151 -1.72 -3.51 -6.80
CA ALA B 151 -1.11 -2.35 -7.44
C ALA B 151 -0.22 -2.80 -8.59
N TRP B 152 -0.34 -2.13 -9.73
CA TRP B 152 0.44 -2.40 -10.93
C TRP B 152 1.40 -1.24 -11.20
N LYS B 153 2.51 -1.57 -11.87
CA LYS B 153 3.62 -0.64 -12.05
C LYS B 153 4.35 -0.95 -13.34
N ALA B 154 4.44 0.04 -14.22
CA ALA B 154 5.36 0.03 -15.36
C ALA B 154 6.63 0.77 -14.94
N ASP B 155 7.77 0.07 -14.97
CA ASP B 155 9.00 0.50 -14.29
C ASP B 155 8.58 0.73 -12.85
N SER B 156 8.61 1.97 -12.34
CA SER B 156 8.17 2.29 -10.99
C SER B 156 6.87 3.09 -10.96
N SER B 157 6.34 3.48 -12.12
CA SER B 157 5.16 4.34 -12.13
C SER B 157 3.88 3.50 -12.06
N PRO B 158 2.93 3.94 -11.25
CA PRO B 158 1.63 3.26 -11.19
C PRO B 158 0.96 3.18 -12.55
N VAL B 159 0.27 2.07 -12.79
CA VAL B 159 -0.57 1.84 -13.98
C VAL B 159 -1.95 1.40 -13.52
N LYS B 160 -2.99 2.17 -13.87
CA LYS B 160 -4.38 1.83 -13.59
C LYS B 160 -5.19 1.48 -14.82
N ALA B 161 -4.79 1.99 -15.99
CA ALA B 161 -5.48 1.69 -17.22
C ALA B 161 -5.24 0.22 -17.60
N GLY B 162 -6.33 -0.51 -17.83
CA GLY B 162 -6.23 -1.89 -18.26
C GLY B 162 -6.26 -2.93 -17.14
N VAL B 163 -6.36 -2.51 -15.89
CA VAL B 163 -6.48 -3.45 -14.77
C VAL B 163 -7.93 -3.90 -14.62
N GLU B 164 -8.13 -5.20 -14.44
CA GLU B 164 -9.40 -5.79 -14.04
C GLU B 164 -9.10 -6.87 -13.01
N THR B 165 -9.78 -6.81 -11.86
CA THR B 165 -9.38 -7.61 -10.71
C THR B 165 -10.57 -8.30 -10.07
N THR B 166 -10.33 -9.52 -9.63
CA THR B 166 -11.33 -10.38 -8.99
C THR B 166 -11.43 -10.09 -7.49
N THR B 167 -12.65 -9.93 -6.99
CA THR B 167 -12.82 -9.88 -5.55
C THR B 167 -12.47 -11.25 -4.94
N PRO B 168 -11.86 -11.27 -3.75
CA PRO B 168 -11.38 -12.54 -3.20
C PRO B 168 -12.52 -13.50 -2.92
N SER B 169 -12.30 -14.77 -3.26
CA SER B 169 -13.24 -15.86 -3.03
C SER B 169 -12.59 -16.92 -2.16
N LYS B 170 -13.40 -17.49 -1.26
CA LYS B 170 -12.91 -18.56 -0.40
C LYS B 170 -12.46 -19.74 -1.25
N GLN B 171 -11.21 -20.16 -1.08
CA GLN B 171 -10.72 -21.40 -1.65
C GLN B 171 -11.32 -22.58 -0.87
N SER B 172 -10.97 -23.81 -1.28
CA SER B 172 -11.41 -24.95 -0.47
C SER B 172 -10.70 -24.98 0.88
N ASN B 173 -9.44 -24.52 0.94
CA ASN B 173 -8.71 -24.39 2.20
C ASN B 173 -9.14 -23.17 3.04
N ASN B 174 -10.32 -22.60 2.77
CA ASN B 174 -10.90 -21.47 3.49
C ASN B 174 -9.99 -20.24 3.61
N LYS B 175 -8.86 -20.24 2.91
CA LYS B 175 -8.19 -19.01 2.57
C LYS B 175 -8.79 -18.48 1.27
N TYR B 176 -8.34 -17.29 0.87
CA TYR B 176 -8.93 -16.57 -0.26
C TYR B 176 -7.98 -16.49 -1.45
N ALA B 177 -8.56 -16.32 -2.64
CA ALA B 177 -7.83 -16.18 -3.89
C ALA B 177 -8.41 -15.02 -4.69
N ALA B 178 -7.53 -14.28 -5.36
CA ALA B 178 -7.96 -13.27 -6.30
C ALA B 178 -6.99 -13.29 -7.46
N SER B 179 -7.39 -12.66 -8.56
CA SER B 179 -6.51 -12.58 -9.69
C SER B 179 -6.64 -11.20 -10.30
N SER B 180 -5.60 -10.74 -10.96
CA SER B 180 -5.62 -9.43 -11.59
C SER B 180 -5.00 -9.53 -12.98
N TYR B 181 -5.55 -8.77 -13.92
CA TYR B 181 -5.11 -8.82 -15.31
C TYR B 181 -4.80 -7.40 -15.77
N LEU B 182 -3.62 -7.20 -16.33
CA LEU B 182 -3.25 -5.93 -16.95
C LEU B 182 -3.19 -6.14 -18.46
N SER B 183 -4.10 -5.48 -19.18
CA SER B 183 -4.09 -5.55 -20.63
C SER B 183 -3.16 -4.48 -21.18
N LEU B 184 -2.29 -4.89 -22.10
CA LEU B 184 -1.30 -4.03 -22.70
C LEU B 184 -1.32 -4.26 -24.19
N THR B 185 -0.97 -3.21 -24.95
CA THR B 185 -0.54 -3.42 -26.32
C THR B 185 0.86 -4.06 -26.33
N PRO B 186 1.16 -4.86 -27.34
CA PRO B 186 2.48 -5.51 -27.37
C PRO B 186 3.63 -4.52 -27.31
N GLU B 187 3.43 -3.28 -27.76
CA GLU B 187 4.49 -2.29 -27.74
C GLU B 187 4.67 -1.68 -26.35
N GLN B 188 3.57 -1.42 -25.64
CA GLN B 188 3.70 -1.04 -24.23
C GLN B 188 4.45 -2.10 -23.46
N TRP B 189 4.12 -3.37 -23.70
CA TRP B 189 4.76 -4.48 -23.00
C TRP B 189 6.27 -4.50 -23.28
N LYS B 190 6.65 -4.37 -24.54
CA LYS B 190 8.04 -4.51 -24.93
C LYS B 190 8.87 -3.25 -24.70
N SER B 191 8.24 -2.13 -24.30
CA SER B 191 8.91 -0.85 -24.24
C SER B 191 9.18 -0.34 -22.84
N HIS B 192 8.81 -1.10 -21.81
CA HIS B 192 9.25 -0.80 -20.45
C HIS B 192 10.25 -1.86 -20.02
N ARG B 193 11.05 -1.53 -19.01
CA ARG B 193 12.04 -2.50 -18.59
C ARG B 193 11.42 -3.60 -17.74
N SER B 194 10.25 -3.35 -17.14
CA SER B 194 9.58 -4.32 -16.28
C SER B 194 8.17 -3.86 -15.94
N TYR B 195 7.28 -4.83 -15.65
CA TYR B 195 5.99 -4.55 -15.03
C TYR B 195 5.85 -5.32 -13.72
N SER B 196 5.06 -4.77 -12.80
CA SER B 196 5.00 -5.32 -11.45
C SER B 196 3.57 -5.48 -10.97
N CYS B 197 3.36 -6.54 -10.21
CA CYS B 197 2.12 -6.75 -9.48
C CYS B 197 2.45 -6.70 -8.00
N GLN B 198 1.89 -5.72 -7.30
CA GLN B 198 2.09 -5.54 -5.87
C GLN B 198 0.81 -5.93 -5.12
N VAL B 199 0.90 -6.93 -4.27
CA VAL B 199 -0.22 -7.39 -3.48
C VAL B 199 0.08 -7.05 -2.02
N THR B 200 -0.72 -6.16 -1.46
CA THR B 200 -0.60 -5.73 -0.08
C THR B 200 -1.72 -6.35 0.74
N HIS B 201 -1.33 -7.00 1.83
CA HIS B 201 -2.26 -7.73 2.69
C HIS B 201 -1.77 -7.57 4.11
N GLU B 202 -2.58 -6.91 4.95
CA GLU B 202 -2.30 -6.74 6.37
C GLU B 202 -1.07 -5.85 6.58
N GLY B 203 -0.81 -4.95 5.64
CA GLY B 203 0.33 -4.08 5.77
C GLY B 203 1.65 -4.69 5.38
N SER B 204 1.66 -5.91 4.87
CA SER B 204 2.83 -6.50 4.26
C SER B 204 2.58 -6.63 2.76
N THR B 205 3.61 -6.39 1.95
CA THR B 205 3.49 -6.31 0.50
C THR B 205 4.30 -7.43 -0.15
N VAL B 206 3.64 -8.22 -0.98
CA VAL B 206 4.30 -9.22 -1.82
C VAL B 206 4.27 -8.69 -3.24
N GLU B 207 5.44 -8.45 -3.80
CA GLU B 207 5.62 -7.92 -5.15
C GLU B 207 6.20 -9.00 -6.06
N LYS B 208 5.86 -8.92 -7.34
CA LYS B 208 6.37 -9.82 -8.35
C LYS B 208 6.58 -9.02 -9.65
N THR B 209 7.71 -9.20 -10.29
CA THR B 209 8.07 -8.40 -11.47
C THR B 209 8.38 -9.31 -12.66
N VAL B 210 7.99 -8.86 -13.85
CA VAL B 210 8.33 -9.54 -15.10
C VAL B 210 8.83 -8.48 -16.08
N ALA B 211 9.64 -8.91 -17.04
CA ALA B 211 10.27 -8.07 -18.04
C ALA B 211 10.24 -8.72 -19.42
N PRO B 212 10.37 -7.93 -20.50
CA PRO B 212 10.28 -8.51 -21.86
C PRO B 212 11.54 -9.26 -22.28
N THR B 213 11.32 -10.41 -22.91
CA THR B 213 12.40 -11.13 -23.56
C THR B 213 11.94 -11.73 -24.89
N VAL C 2 35.89 -4.80 23.88
CA VAL C 2 35.91 -5.42 22.56
C VAL C 2 35.12 -4.61 21.53
N GLN C 3 35.81 -3.85 20.69
CA GLN C 3 35.13 -2.81 19.95
C GLN C 3 35.84 -2.55 18.64
N LEU C 4 35.11 -1.89 17.75
CA LEU C 4 35.66 -1.25 16.56
C LEU C 4 35.25 0.21 16.61
N VAL C 5 36.22 1.11 16.69
CA VAL C 5 35.97 2.54 16.83
C VAL C 5 36.40 3.24 15.55
N GLU C 6 35.44 3.83 14.84
CA GLU C 6 35.75 4.43 13.56
C GLU C 6 35.76 5.95 13.61
N SER C 7 36.41 6.54 12.62
CA SER C 7 36.66 7.98 12.58
C SER C 7 37.09 8.35 11.16
N GLY C 8 37.33 9.65 10.95
CA GLY C 8 37.76 10.16 9.68
C GLY C 8 36.65 10.66 8.77
N GLY C 9 35.38 10.42 9.11
CA GLY C 9 34.32 10.91 8.28
C GLY C 9 34.08 12.39 8.46
N GLY C 10 33.37 12.97 7.52
CA GLY C 10 33.01 14.36 7.65
C GLY C 10 32.14 14.84 6.51
N VAL C 11 32.13 16.15 6.37
CA VAL C 11 31.40 16.85 5.33
C VAL C 11 32.43 17.31 4.33
N VAL C 12 32.40 16.77 3.13
CA VAL C 12 33.32 17.18 2.08
C VAL C 12 32.50 17.52 0.84
N GLN C 13 33.08 18.32 -0.03
CA GLN C 13 32.39 18.64 -1.27
C GLN C 13 32.50 17.46 -2.22
N PRO C 14 31.67 17.44 -3.28
CA PRO C 14 31.90 16.45 -4.34
C PRO C 14 33.32 16.58 -4.89
N GLY C 15 33.85 15.45 -5.37
CA GLY C 15 35.20 15.39 -5.89
C GLY C 15 36.28 15.42 -4.82
N GLY C 16 35.92 15.53 -3.55
CA GLY C 16 36.87 15.59 -2.47
C GLY C 16 37.39 14.21 -2.10
N SER C 17 38.23 14.21 -1.05
CA SER C 17 38.85 13.01 -0.53
C SER C 17 38.55 12.89 0.94
N LEU C 18 38.55 11.64 1.41
CA LEU C 18 38.42 11.31 2.83
C LEU C 18 39.24 10.04 3.08
N ARG C 19 39.51 9.75 4.35
CA ARG C 19 40.20 8.51 4.72
C ARG C 19 39.65 8.01 6.05
N LEU C 20 38.91 6.92 6.03
CA LEU C 20 38.26 6.46 7.24
C LEU C 20 39.21 5.54 8.02
N SER C 21 39.12 5.60 9.35
CA SER C 21 39.90 4.74 10.23
C SER C 21 38.97 3.87 11.05
N CYS C 22 39.42 2.67 11.35
CA CYS C 22 38.70 1.77 12.25
C CYS C 22 39.70 1.08 13.17
N GLU C 23 39.60 1.34 14.46
CA GLU C 23 40.52 0.76 15.43
C GLU C 23 39.87 -0.39 16.16
N ALA C 24 40.53 -1.54 16.17
CA ALA C 24 40.03 -2.75 16.82
C ALA C 24 40.67 -2.93 18.18
N SER C 25 39.87 -3.24 19.17
CA SER C 25 40.40 -3.57 20.48
C SER C 25 39.67 -4.79 21.03
N GLY C 26 40.39 -5.59 21.81
CA GLY C 26 39.78 -6.67 22.55
C GLY C 26 39.66 -7.99 21.81
N PHE C 27 40.23 -8.10 20.62
CA PHE C 27 40.16 -9.36 19.88
C PHE C 27 41.26 -9.37 18.85
N SER C 28 41.64 -10.59 18.45
CA SER C 28 42.76 -10.81 17.53
C SER C 28 42.48 -10.32 16.11
N PHE C 29 42.48 -9.00 15.94
CA PHE C 29 42.17 -8.33 14.69
C PHE C 29 42.71 -9.01 13.42
N LYS C 30 44.01 -9.34 13.41
CA LYS C 30 44.70 -9.83 12.22
C LYS C 30 44.18 -11.18 11.71
N ASP C 31 43.30 -11.84 12.45
CA ASP C 31 42.79 -13.16 12.11
C ASP C 31 41.41 -13.11 11.45
N TYR C 32 40.89 -11.90 11.20
CA TYR C 32 39.53 -11.73 10.71
C TYR C 32 39.53 -10.85 9.46
N GLY C 33 38.82 -11.29 8.43
CA GLY C 33 38.49 -10.39 7.35
C GLY C 33 37.73 -9.19 7.87
N MET C 34 37.84 -8.07 7.18
CA MET C 34 37.22 -6.84 7.59
C MET C 34 36.50 -6.21 6.41
N HIS C 35 35.30 -5.71 6.66
CA HIS C 35 34.46 -5.14 5.62
C HIS C 35 34.11 -3.70 5.92
N TRP C 36 33.80 -2.99 4.85
CA TRP C 36 33.14 -1.68 4.92
C TRP C 36 31.73 -1.85 4.37
N ILE C 37 30.74 -1.46 5.19
CA ILE C 37 29.33 -1.48 4.82
C ILE C 37 28.77 -0.10 5.11
N ARG C 38 28.06 0.48 4.15
CA ARG C 38 27.50 1.81 4.34
C ARG C 38 25.97 1.75 4.36
N GLN C 39 25.38 2.61 5.19
CA GLN C 39 23.94 2.58 5.40
C GLN C 39 23.31 3.86 4.87
N THR C 40 22.36 3.69 3.98
CA THR C 40 21.94 4.73 3.06
C THR C 40 20.65 5.38 3.54
N GLY C 44 19.15 1.53 3.20
CA GLY C 44 19.49 0.20 3.64
C GLY C 44 20.98 0.00 3.82
N LEU C 45 21.41 -1.24 4.01
CA LEU C 45 22.83 -1.55 4.11
C LEU C 45 23.40 -1.93 2.74
N GLU C 46 24.65 -1.55 2.51
CA GLU C 46 25.30 -1.71 1.22
C GLU C 46 26.76 -2.08 1.46
N TRP C 47 27.15 -3.25 0.98
CA TRP C 47 28.53 -3.72 1.08
C TRP C 47 29.44 -2.93 0.14
N ILE C 48 30.63 -2.55 0.62
CA ILE C 48 31.55 -1.71 -0.14
C ILE C 48 32.85 -2.45 -0.46
N SER C 49 33.47 -3.06 0.54
CA SER C 49 34.69 -3.81 0.25
C SER C 49 35.00 -4.76 1.39
N ARG C 50 35.87 -5.72 1.09
CA ARG C 50 36.42 -6.65 2.05
C ARG C 50 37.94 -6.68 1.92
N ILE C 51 38.63 -6.80 3.04
CA ILE C 51 40.06 -7.05 3.00
C ILE C 51 40.34 -8.24 3.89
N SER C 52 41.20 -9.15 3.40
CA SER C 52 41.62 -10.33 4.14
C SER C 52 42.24 -9.95 5.46
N GLY C 53 42.17 -10.87 6.41
CA GLY C 53 42.94 -10.71 7.63
C GLY C 53 44.41 -10.50 7.33
N ASP C 54 44.95 -11.27 6.40
CA ASP C 54 46.39 -11.30 6.12
C ASP C 54 46.82 -10.28 5.09
N THR C 55 45.91 -9.39 4.69
CA THR C 55 46.13 -8.19 3.89
C THR C 55 46.16 -8.48 2.37
N ARG C 56 46.21 -9.74 1.95
CA ARG C 56 46.41 -10.02 0.53
C ARG C 56 45.15 -9.83 -0.30
N GLY C 57 43.98 -10.23 0.22
CA GLY C 57 42.75 -10.20 -0.56
C GLY C 57 41.99 -8.92 -0.32
N THR C 58 41.59 -8.27 -1.41
CA THR C 58 40.68 -7.13 -1.36
C THR C 58 39.67 -7.27 -2.49
N SER C 59 38.42 -6.88 -2.22
CA SER C 59 37.37 -6.88 -3.23
C SER C 59 36.51 -5.63 -3.02
N TYR C 60 35.92 -5.13 -4.10
CA TYR C 60 35.12 -3.92 -4.05
C TYR C 60 33.83 -4.09 -4.86
N VAL C 61 32.77 -3.44 -4.37
CA VAL C 61 31.61 -3.18 -5.19
C VAL C 61 32.03 -2.28 -6.35
N ASP C 62 31.39 -2.48 -7.51
CA ASP C 62 31.78 -1.74 -8.71
C ASP C 62 31.60 -0.23 -8.55
N SER C 63 30.60 0.18 -7.76
CA SER C 63 30.32 1.60 -7.54
C SER C 63 31.52 2.38 -7.02
N VAL C 64 32.49 1.72 -6.38
CA VAL C 64 33.58 2.43 -5.70
C VAL C 64 34.92 1.93 -6.19
N LYS C 65 34.90 0.84 -6.97
CA LYS C 65 36.11 0.24 -7.51
C LYS C 65 36.97 1.29 -8.22
N GLY C 66 38.22 1.38 -7.82
CA GLY C 66 39.17 2.31 -8.40
C GLY C 66 39.16 3.67 -7.74
N ARG C 67 37.99 4.11 -7.28
CA ARG C 67 37.89 5.33 -6.49
C ARG C 67 38.28 5.09 -5.04
N PHE C 68 37.85 3.96 -4.47
CA PHE C 68 38.17 3.62 -3.10
C PHE C 68 39.21 2.52 -3.07
N ILE C 69 39.95 2.46 -1.95
CA ILE C 69 40.98 1.47 -1.72
C ILE C 69 40.95 1.12 -0.22
N VAL C 70 40.77 -0.17 0.09
CA VAL C 70 40.79 -0.64 1.47
C VAL C 70 42.22 -1.07 1.80
N SER C 71 42.59 -1.00 3.09
CA SER C 71 43.90 -1.41 3.57
C SER C 71 43.82 -1.63 5.08
N ARG C 72 44.80 -2.36 5.61
CA ARG C 72 44.87 -2.55 7.06
C ARG C 72 46.31 -2.50 7.52
N ASP C 73 46.52 -2.17 8.80
CA ASP C 73 47.84 -2.15 9.43
C ASP C 73 47.71 -2.93 10.73
N ASN C 74 47.95 -4.24 10.64
CA ASN C 74 47.67 -5.08 11.80
C ASN C 74 48.54 -4.74 12.98
N SER C 75 49.69 -4.10 12.77
CA SER C 75 50.56 -3.74 13.88
C SER C 75 49.95 -2.62 14.71
N ARG C 76 48.95 -1.90 14.17
CA ARG C 76 48.22 -0.89 14.92
C ARG C 76 46.73 -1.20 15.04
N ASN C 77 46.33 -2.45 14.77
CA ASN C 77 44.94 -2.90 14.92
C ASN C 77 43.95 -2.00 14.16
N SER C 78 44.34 -1.61 12.95
CA SER C 78 43.58 -0.60 12.21
C SER C 78 43.22 -1.05 10.80
N LEU C 79 42.03 -0.62 10.37
CA LEU C 79 41.48 -0.80 9.04
C LEU C 79 41.27 0.58 8.43
N PHE C 80 41.51 0.72 7.12
CA PHE C 80 41.37 2.01 6.45
C PHE C 80 40.52 1.89 5.20
N LEU C 81 39.99 3.04 4.76
CA LEU C 81 39.36 3.15 3.44
C LEU C 81 39.70 4.55 2.92
N GLN C 82 40.49 4.58 1.83
CA GLN C 82 40.78 5.82 1.12
C GLN C 82 39.66 6.08 0.14
N MET C 83 38.93 7.18 0.34
CA MET C 83 37.78 7.56 -0.46
C MET C 83 38.20 8.71 -1.37
N ASN C 84 38.52 8.39 -2.61
CA ASN C 84 38.93 9.37 -3.61
C ASN C 84 37.78 9.64 -4.55
N SER C 85 37.78 10.84 -5.16
CA SER C 85 36.77 11.20 -6.14
C SER C 85 35.35 10.99 -5.60
N LEU C 86 35.09 11.51 -4.40
CA LEU C 86 33.81 11.28 -3.74
C LEU C 86 32.69 11.93 -4.54
N ARG C 87 31.66 11.13 -4.84
CA ARG C 87 30.42 11.57 -5.46
C ARG C 87 29.34 11.68 -4.38
N SER C 88 28.22 12.30 -4.74
CA SER C 88 27.17 12.56 -3.75
C SER C 88 26.49 11.27 -3.28
N GLU C 89 26.37 10.28 -4.17
CA GLU C 89 25.76 8.99 -3.83
C GLU C 89 26.58 8.22 -2.78
N ASP C 90 27.80 8.65 -2.48
CA ASP C 90 28.58 8.05 -1.40
C ASP C 90 28.19 8.59 -0.03
N THR C 91 27.19 9.46 0.05
CA THR C 91 26.73 9.95 1.36
C THR C 91 26.01 8.86 2.12
N ALA C 92 26.54 8.51 3.29
CA ALA C 92 26.03 7.40 4.08
C ALA C 92 26.75 7.39 5.42
N LEU C 93 26.19 6.67 6.36
CA LEU C 93 26.95 6.25 7.52
C LEU C 93 27.74 5.02 7.11
N TYR C 94 29.04 5.01 7.40
CA TYR C 94 29.97 3.99 6.93
C TYR C 94 30.38 3.09 8.09
N TYR C 95 29.95 1.84 8.05
CA TYR C 95 30.30 0.88 9.10
C TYR C 95 31.57 0.12 8.76
N CYS C 96 32.16 -0.42 9.80
CA CYS C 96 33.37 -1.22 9.77
C CYS C 96 33.00 -2.52 10.46
N ALA C 97 33.41 -3.68 9.91
CA ALA C 97 32.82 -4.89 10.45
C ALA C 97 33.67 -6.12 10.24
N ALA C 98 33.58 -7.03 11.19
CA ALA C 98 34.16 -8.37 11.08
C ALA C 98 32.96 -9.30 10.98
N LEU C 99 32.58 -9.61 9.75
CA LEU C 99 31.37 -10.37 9.47
C LEU C 99 31.64 -11.87 9.46
N VAL C 100 30.89 -12.62 10.28
CA VAL C 100 30.89 -14.08 10.23
C VAL C 100 30.19 -14.60 8.97
N ILE C 101 30.93 -14.81 7.88
CA ILE C 101 30.34 -15.39 6.66
C ILE C 101 30.45 -16.90 6.66
N VAL C 102 31.63 -17.44 6.98
CA VAL C 102 31.79 -18.85 7.28
C VAL C 102 32.50 -18.93 8.63
N ALA C 103 31.87 -19.60 9.58
CA ALA C 103 32.36 -19.69 10.95
C ALA C 103 32.91 -21.10 11.14
N ALA C 104 34.21 -21.28 10.93
CA ALA C 104 34.77 -22.63 11.05
C ALA C 104 35.05 -22.91 12.53
N GLY C 105 33.96 -22.92 13.31
CA GLY C 105 34.01 -23.02 14.75
C GLY C 105 34.09 -21.70 15.48
N ASP C 106 34.16 -20.58 14.78
CA ASP C 106 34.28 -19.26 15.39
C ASP C 106 33.17 -18.35 14.84
N ASP C 107 32.13 -18.14 15.65
CA ASP C 107 30.97 -17.33 15.26
C ASP C 107 31.20 -15.82 15.42
N PHE C 108 32.44 -15.40 15.71
CA PHE C 108 32.72 -14.00 16.02
C PHE C 108 32.25 -13.05 14.91
N ASP C 109 31.47 -12.05 15.32
CA ASP C 109 30.91 -11.01 14.45
C ASP C 109 30.91 -9.70 15.21
N LEU C 110 31.28 -8.61 14.56
CA LEU C 110 31.42 -7.34 15.28
C LEU C 110 31.38 -6.15 14.32
N TRP C 111 30.54 -5.18 14.66
CA TRP C 111 30.37 -3.95 13.90
C TRP C 111 30.85 -2.76 14.72
N GLY C 112 31.43 -1.77 14.03
CA GLY C 112 31.77 -0.51 14.64
C GLY C 112 30.54 0.34 14.89
N GLN C 113 30.76 1.58 15.31
CA GLN C 113 29.62 2.43 15.62
C GLN C 113 29.14 3.21 14.41
N GLY C 114 30.00 3.44 13.44
CA GLY C 114 29.65 4.22 12.28
C GLY C 114 30.33 5.58 12.29
N THR C 115 30.60 6.09 11.09
CA THR C 115 31.19 7.40 10.92
C THR C 115 30.52 8.04 9.70
N VAL C 116 29.97 9.23 9.89
CA VAL C 116 29.11 9.82 8.88
C VAL C 116 29.97 10.45 7.79
N VAL C 117 29.72 10.04 6.55
CA VAL C 117 30.30 10.65 5.37
C VAL C 117 29.18 11.42 4.66
N THR C 118 29.26 12.74 4.66
CA THR C 118 28.33 13.58 3.91
C THR C 118 29.15 14.30 2.84
N VAL C 119 28.97 13.90 1.59
CA VAL C 119 29.61 14.59 0.48
C VAL C 119 28.56 15.43 -0.23
N SER C 120 28.71 16.75 -0.14
CA SER C 120 27.69 17.68 -0.55
C SER C 120 28.32 19.03 -0.83
N SER C 121 27.63 19.84 -1.64
CA SER C 121 28.04 21.22 -1.89
C SER C 121 27.51 22.17 -0.81
N ALA C 122 26.67 21.67 0.08
CA ALA C 122 25.97 22.51 1.04
C ALA C 122 26.93 23.15 2.02
N SER C 123 26.80 24.45 2.17
CA SER C 123 27.46 25.25 3.20
C SER C 123 26.37 25.96 4.00
N THR C 124 26.79 26.79 4.94
CA THR C 124 25.85 27.42 5.86
C THR C 124 24.85 28.28 5.12
N LYS C 125 23.56 28.05 5.41
CA LYS C 125 22.45 28.72 4.75
C LYS C 125 21.33 28.93 5.77
N GLY C 126 20.84 30.16 5.87
CA GLY C 126 19.70 30.43 6.71
C GLY C 126 18.42 29.91 6.05
N PRO C 127 17.42 29.58 6.84
CA PRO C 127 16.15 29.15 6.25
C PRO C 127 15.32 30.34 5.80
N SER C 128 14.54 30.11 4.76
CA SER C 128 13.38 30.94 4.48
C SER C 128 12.19 30.39 5.25
N VAL C 129 11.34 31.29 5.75
CA VAL C 129 10.19 30.93 6.57
C VAL C 129 8.91 31.39 5.88
N PHE C 130 8.05 30.45 5.52
CA PHE C 130 6.79 30.79 4.89
C PHE C 130 5.63 30.31 5.75
N PRO C 131 4.53 31.04 5.78
CA PRO C 131 3.37 30.61 6.55
C PRO C 131 2.62 29.49 5.85
N LEU C 132 1.98 28.64 6.66
CA LEU C 132 1.08 27.61 6.17
C LEU C 132 -0.33 27.96 6.68
N ALA C 133 -1.08 28.74 5.89
CA ALA C 133 -2.31 29.35 6.39
C ALA C 133 -3.42 28.31 6.53
N PRO C 134 -4.29 28.44 7.53
CA PRO C 134 -5.43 27.54 7.66
C PRO C 134 -6.47 27.81 6.57
N SER C 135 -7.45 26.92 6.49
CA SER C 135 -8.44 26.92 5.40
C SER C 135 -9.74 27.66 5.71
N GLY C 142 -14.30 22.28 13.80
CA GLY C 142 -13.94 22.51 15.18
C GLY C 142 -12.49 22.96 15.38
N THR C 143 -11.57 22.26 14.71
CA THR C 143 -10.14 22.54 14.75
C THR C 143 -9.70 23.08 13.40
N ALA C 144 -8.71 23.99 13.42
CA ALA C 144 -7.96 24.37 12.24
C ALA C 144 -6.51 23.92 12.40
N ALA C 145 -5.82 23.89 11.27
CA ALA C 145 -4.42 23.51 11.19
C ALA C 145 -3.68 24.64 10.50
N LEU C 146 -2.62 25.12 11.14
CA LEU C 146 -1.84 26.23 10.64
C LEU C 146 -0.39 25.98 11.05
N GLY C 147 0.55 26.49 10.27
CA GLY C 147 1.90 26.09 10.51
C GLY C 147 2.93 27.01 9.90
N CYS C 148 4.19 26.58 10.01
CA CYS C 148 5.35 27.30 9.48
C CYS C 148 6.22 26.36 8.68
N LEU C 149 6.57 26.78 7.46
CA LEU C 149 7.53 26.08 6.63
C LEU C 149 8.90 26.71 6.80
N VAL C 150 9.87 25.93 7.30
CA VAL C 150 11.25 26.37 7.47
C VAL C 150 12.09 25.73 6.38
N LYS C 151 12.31 26.44 5.27
CA LYS C 151 12.78 25.85 4.02
C LYS C 151 14.29 26.02 3.83
N ASP C 152 14.94 24.96 3.38
CA ASP C 152 16.26 25.01 2.76
C ASP C 152 17.32 25.70 3.62
N TYR C 153 17.59 25.11 4.80
CA TYR C 153 18.62 25.60 5.70
C TYR C 153 19.75 24.58 5.88
N PHE C 154 20.89 25.06 6.38
CA PHE C 154 22.02 24.19 6.69
C PHE C 154 22.99 24.87 7.65
N PRO C 155 23.54 24.16 8.63
CA PRO C 155 23.20 22.78 8.96
C PRO C 155 22.08 22.71 9.99
N GLU C 156 21.96 21.60 10.65
CA GLU C 156 21.01 21.56 11.75
C GLU C 156 21.67 22.08 13.02
N PRO C 157 20.87 22.53 14.01
CA PRO C 157 19.42 22.63 14.10
C PRO C 157 18.83 24.01 13.94
N VAL C 158 17.52 23.99 13.72
CA VAL C 158 16.64 25.14 13.86
C VAL C 158 15.79 24.88 15.08
N THR C 159 15.33 25.96 15.71
CA THR C 159 14.33 25.91 16.76
C THR C 159 13.12 26.73 16.33
N VAL C 160 11.92 26.22 16.64
CA VAL C 160 10.66 26.90 16.37
C VAL C 160 9.86 27.00 17.66
N SER C 161 9.31 28.18 17.92
CA SER C 161 8.35 28.41 19.01
C SER C 161 7.13 29.08 18.41
N TRP C 162 6.06 29.14 19.18
CA TRP C 162 4.84 29.80 18.77
C TRP C 162 4.47 30.89 19.75
N ASN C 163 4.20 32.09 19.23
CA ASN C 163 3.67 33.20 20.01
C ASN C 163 4.57 33.52 21.21
N SER C 164 5.88 33.37 21.00
CA SER C 164 6.89 33.73 22.00
C SER C 164 6.74 32.90 23.27
N GLY C 165 6.51 31.61 23.10
CA GLY C 165 6.39 30.70 24.21
C GLY C 165 4.99 30.57 24.77
N ALA C 166 4.10 31.52 24.45
CA ALA C 166 2.76 31.53 25.04
C ALA C 166 1.93 30.33 24.60
N LEU C 167 2.27 29.70 23.48
CA LEU C 167 1.50 28.61 22.90
C LEU C 167 2.40 27.38 22.84
N THR C 168 2.14 26.40 23.70
CA THR C 168 2.91 25.18 23.71
C THR C 168 2.08 23.93 23.52
N SER C 169 0.76 24.00 23.64
CA SER C 169 -0.08 22.83 23.49
C SER C 169 -0.55 22.73 22.05
N GLY C 170 -0.68 21.50 21.57
CA GLY C 170 -1.09 21.27 20.21
C GLY C 170 -0.08 21.74 19.21
N VAL C 171 1.20 21.69 19.56
CA VAL C 171 2.29 22.02 18.63
C VAL C 171 2.96 20.73 18.23
N HIS C 172 3.22 20.57 16.94
CA HIS C 172 3.89 19.40 16.37
C HIS C 172 4.95 19.96 15.42
N THR C 173 6.21 19.95 15.85
CA THR C 173 7.31 20.29 14.95
C THR C 173 7.88 18.98 14.41
N PHE C 174 7.71 18.77 13.10
CA PHE C 174 8.11 17.56 12.39
C PHE C 174 9.62 17.54 12.21
N PRO C 175 10.20 16.34 12.20
CA PRO C 175 11.63 16.23 11.88
C PRO C 175 11.91 16.69 10.47
N ALA C 176 13.10 17.26 10.28
CA ALA C 176 13.45 17.89 9.01
C ALA C 176 13.68 16.83 7.94
N VAL C 177 13.44 17.20 6.66
CA VAL C 177 13.90 16.38 5.54
C VAL C 177 15.25 16.92 5.09
N LEU C 178 16.07 16.00 4.60
CA LEU C 178 17.37 16.29 4.04
C LEU C 178 17.20 16.14 2.54
N GLN C 179 16.94 17.26 1.87
CA GLN C 179 16.75 17.24 0.43
C GLN C 179 18.07 16.93 -0.27
N SER C 180 17.97 16.64 -1.57
CA SER C 180 19.15 16.25 -2.33
C SER C 180 20.19 17.36 -2.45
N SER C 181 19.77 18.62 -2.35
CA SER C 181 20.73 19.73 -2.33
C SER C 181 21.67 19.69 -1.14
N GLY C 182 21.42 18.83 -0.16
CA GLY C 182 22.12 18.86 1.11
C GLY C 182 21.48 19.77 2.15
N LEU C 183 20.43 20.49 1.80
CA LEU C 183 19.79 21.39 2.75
C LEU C 183 18.61 20.72 3.43
N TYR C 184 18.36 21.11 4.67
CA TYR C 184 17.21 20.65 5.45
C TYR C 184 16.01 21.58 5.32
N SER C 185 14.82 20.99 5.39
CA SER C 185 13.59 21.71 5.63
C SER C 185 12.79 20.97 6.69
N LEU C 186 12.11 21.71 7.57
CA LEU C 186 11.10 21.10 8.44
C LEU C 186 9.85 21.96 8.42
N SER C 187 8.84 21.47 9.13
CA SER C 187 7.55 22.13 9.24
C SER C 187 7.10 22.07 10.69
N SER C 188 6.43 23.12 11.13
CA SER C 188 5.82 23.15 12.45
C SER C 188 4.39 23.59 12.29
N VAL C 189 3.50 22.91 12.99
CA VAL C 189 2.08 23.09 12.82
C VAL C 189 1.44 23.03 14.19
N VAL C 190 0.56 23.97 14.49
CA VAL C 190 -0.26 23.86 15.69
C VAL C 190 -1.71 23.71 15.23
N THR C 191 -2.46 22.84 15.90
CA THR C 191 -3.90 22.74 15.68
C THR C 191 -4.59 23.53 16.79
N VAL C 192 -5.51 24.39 16.39
CA VAL C 192 -6.07 25.42 17.27
C VAL C 192 -7.59 25.34 17.16
N PRO C 193 -8.31 25.88 18.14
CA PRO C 193 -9.74 26.14 17.96
C PRO C 193 -10.00 26.89 16.66
N SER C 194 -10.95 26.37 15.87
CA SER C 194 -11.40 27.06 14.67
C SER C 194 -11.88 28.45 15.01
N SER C 195 -12.56 28.58 16.14
CA SER C 195 -13.16 29.85 16.55
C SER C 195 -12.10 30.91 16.84
N SER C 196 -10.91 30.50 17.27
CA SER C 196 -9.85 31.45 17.63
C SER C 196 -9.22 32.12 16.41
N LEU C 197 -9.23 31.47 15.24
CA LEU C 197 -8.71 32.09 14.02
C LEU C 197 -9.31 33.49 13.86
N GLY C 198 -8.49 34.44 13.44
CA GLY C 198 -9.04 35.78 13.31
C GLY C 198 -9.45 36.50 14.59
N THR C 199 -9.47 35.78 15.73
CA THR C 199 -9.37 36.43 17.03
C THR C 199 -7.91 36.45 17.47
N GLN C 200 -7.32 35.25 17.58
CA GLN C 200 -6.00 35.08 18.13
C GLN C 200 -4.96 35.19 17.02
N THR C 201 -3.89 35.92 17.32
CA THR C 201 -2.76 36.02 16.41
C THR C 201 -1.84 34.81 16.63
N TYR C 202 -1.30 34.29 15.54
CA TYR C 202 -0.44 33.12 15.59
C TYR C 202 0.87 33.44 14.88
N ILE C 203 1.97 33.45 15.62
CA ILE C 203 3.29 33.79 15.09
C ILE C 203 4.27 32.68 15.41
N CYS C 204 5.02 32.24 14.41
CA CYS C 204 6.06 31.27 14.67
C CYS C 204 7.42 31.95 14.74
N ASN C 205 8.24 31.52 15.70
CA ASN C 205 9.53 32.12 15.99
C ASN C 205 10.58 31.11 15.59
N VAL C 206 11.32 31.41 14.53
CA VAL C 206 12.33 30.51 13.98
C VAL C 206 13.70 31.08 14.31
N ASN C 207 14.60 30.21 14.77
CA ASN C 207 15.96 30.63 15.07
C ASN C 207 16.94 29.61 14.52
N HIS C 208 17.90 30.08 13.72
CA HIS C 208 18.93 29.23 13.16
C HIS C 208 20.25 29.86 13.57
N LYS C 209 20.80 29.41 14.69
CA LYS C 209 22.00 30.05 15.22
C LYS C 209 23.20 29.97 14.29
N PRO C 210 23.46 28.86 13.56
CA PRO C 210 24.68 28.83 12.72
C PRO C 210 24.80 29.99 11.77
N SER C 211 23.68 30.53 11.31
CA SER C 211 23.65 31.66 10.39
C SER C 211 23.04 32.92 11.02
N ASN C 212 22.83 32.93 12.33
CA ASN C 212 22.21 34.05 13.06
C ASN C 212 20.85 34.45 12.49
N THR C 213 20.15 33.56 11.80
CA THR C 213 18.82 33.86 11.30
C THR C 213 17.80 33.84 12.43
N LYS C 214 17.08 34.96 12.59
CA LYS C 214 15.93 35.06 13.49
C LYS C 214 14.75 35.57 12.67
N VAL C 215 13.66 34.81 12.67
CA VAL C 215 12.47 35.19 11.90
C VAL C 215 11.22 34.93 12.75
N ASP C 216 10.33 35.93 12.79
CA ASP C 216 9.02 35.80 13.44
C ASP C 216 7.93 36.04 12.38
N LYS C 217 7.39 34.95 11.83
CA LYS C 217 6.40 35.02 10.76
C LYS C 217 4.98 34.90 11.31
N LYS C 218 4.13 35.87 10.97
CA LYS C 218 2.71 35.85 11.31
C LYS C 218 1.98 34.94 10.34
N VAL C 219 0.99 34.21 10.85
CA VAL C 219 0.26 33.22 10.07
C VAL C 219 -1.23 33.58 10.15
N GLU C 220 -1.69 34.41 9.22
CA GLU C 220 -3.07 34.87 9.12
C GLU C 220 -3.87 33.88 8.28
N PRO C 221 -5.19 33.78 8.49
CA PRO C 221 -5.98 32.80 7.71
C PRO C 221 -6.14 33.16 6.24
N ALA D 3 20.97 -5.97 -5.90
CA ALA D 3 20.69 -6.02 -4.46
C ALA D 3 19.93 -7.29 -4.11
N LEU D 4 19.50 -7.38 -2.86
CA LEU D 4 18.59 -8.43 -2.38
C LEU D 4 17.31 -7.75 -1.91
N THR D 5 16.17 -8.43 -2.07
CA THR D 5 14.85 -7.82 -1.90
C THR D 5 14.12 -8.38 -0.68
N GLN D 6 13.82 -7.49 0.27
CA GLN D 6 13.05 -7.72 1.49
C GLN D 6 11.75 -6.91 1.48
N PRO D 7 10.68 -7.40 2.10
CA PRO D 7 9.50 -6.55 2.31
C PRO D 7 9.82 -5.36 3.20
N LEU D 8 9.23 -4.22 2.87
CA LEU D 8 9.46 -3.00 3.65
C LEU D 8 9.15 -3.20 5.13
N SER D 9 8.05 -3.87 5.45
CA SER D 9 7.69 -3.99 6.86
C SER D 9 6.84 -5.23 7.09
N VAL D 10 6.86 -5.71 8.32
CA VAL D 10 6.00 -6.80 8.74
C VAL D 10 5.71 -6.59 10.20
N SER D 11 4.59 -7.13 10.67
CA SER D 11 4.14 -6.86 12.02
C SER D 11 3.46 -8.12 12.55
N GLY D 12 3.71 -8.39 13.82
CA GLY D 12 3.03 -9.47 14.50
C GLY D 12 2.76 -9.08 15.94
N SER D 13 1.64 -9.60 16.47
CA SER D 13 1.30 -9.41 17.88
C SER D 13 2.27 -10.19 18.77
N PRO D 14 2.40 -9.79 20.04
CA PRO D 14 3.31 -10.50 20.94
C PRO D 14 2.92 -11.97 21.08
N GLY D 15 3.93 -12.85 21.03
CA GLY D 15 3.71 -14.27 21.11
C GLY D 15 3.42 -14.97 19.80
N GLN D 16 3.22 -14.21 18.72
CA GLN D 16 2.91 -14.78 17.42
C GLN D 16 4.19 -14.92 16.58
N SER D 17 4.02 -15.13 15.29
CA SER D 17 5.15 -15.38 14.42
C SER D 17 5.13 -14.42 13.23
N VAL D 18 6.29 -14.28 12.59
CA VAL D 18 6.46 -13.36 11.48
C VAL D 18 7.64 -13.84 10.66
N THR D 19 7.53 -13.70 9.33
CA THR D 19 8.51 -14.25 8.39
C THR D 19 9.00 -13.15 7.44
N ILE D 20 10.30 -13.15 7.16
CA ILE D 20 10.92 -12.11 6.34
C ILE D 20 11.56 -12.78 5.13
N SER D 21 11.01 -12.52 3.94
CA SER D 21 11.55 -13.07 2.71
C SER D 21 12.75 -12.26 2.24
N CYS D 22 13.76 -12.97 1.75
CA CYS D 22 14.93 -12.35 1.15
C CYS D 22 15.12 -12.97 -0.22
N THR D 23 14.84 -12.20 -1.25
CA THR D 23 14.87 -12.71 -2.62
C THR D 23 16.16 -12.28 -3.30
N GLY D 24 16.94 -13.26 -3.75
CA GLY D 24 18.11 -13.00 -4.58
C GLY D 24 18.00 -13.67 -5.94
N SER D 25 19.14 -13.83 -6.58
CA SER D 25 19.18 -14.46 -7.88
C SER D 25 19.77 -15.87 -7.77
N SER D 26 19.93 -16.52 -8.92
CA SER D 26 20.52 -17.85 -8.92
C SER D 26 21.97 -17.83 -8.48
N SER D 27 22.69 -16.75 -8.79
CA SER D 27 24.13 -16.69 -8.56
C SER D 27 24.51 -16.51 -7.10
N ASP D 28 23.63 -15.93 -6.28
CA ASP D 28 23.97 -15.64 -4.89
C ASP D 28 23.24 -16.58 -3.95
N ILE D 29 22.01 -16.25 -3.57
CA ILE D 29 21.27 -17.09 -2.63
C ILE D 29 21.07 -18.50 -3.21
N GLY D 30 20.84 -18.58 -4.53
CA GLY D 30 20.60 -19.88 -5.14
C GLY D 30 21.80 -20.79 -5.18
N SER D 31 23.01 -20.21 -5.19
CA SER D 31 24.22 -21.00 -5.40
C SER D 31 24.94 -21.37 -4.11
N TYR D 32 24.94 -20.50 -3.10
CA TYR D 32 25.73 -20.69 -1.91
C TYR D 32 24.84 -20.76 -0.67
N ASN D 33 25.41 -21.27 0.41
CA ASN D 33 24.70 -21.30 1.68
C ASN D 33 25.36 -20.38 2.70
N PHE D 34 25.58 -19.13 2.31
CA PHE D 34 26.14 -18.15 3.22
C PHE D 34 25.16 -16.98 3.35
N VAL D 35 23.99 -17.27 3.93
CA VAL D 35 22.95 -16.28 4.17
C VAL D 35 23.02 -15.87 5.64
N SER D 36 23.16 -14.58 5.89
CA SER D 36 23.21 -14.08 7.26
C SER D 36 22.11 -13.06 7.49
N TRP D 37 21.62 -12.99 8.73
CA TRP D 37 20.56 -12.07 9.12
C TRP D 37 21.07 -11.21 10.27
N TYR D 38 20.85 -9.90 10.15
CA TYR D 38 21.36 -8.91 11.09
C TYR D 38 20.20 -8.10 11.63
N ARG D 39 20.20 -7.86 12.94
CA ARG D 39 19.18 -7.07 13.60
C ARG D 39 19.75 -5.72 14.03
N GLN D 40 19.03 -4.64 13.75
CA GLN D 40 19.51 -3.30 14.04
C GLN D 40 18.45 -2.55 14.84
N TYR D 41 18.79 -2.16 15.95
CA TYR D 41 17.90 -1.25 16.67
C TYR D 41 18.21 0.18 16.27
N PRO D 42 17.20 1.05 16.31
CA PRO D 42 17.39 2.43 15.83
C PRO D 42 18.46 3.16 16.62
N GLY D 43 19.44 3.72 15.91
CA GLY D 43 20.53 4.40 16.54
C GLY D 43 21.72 3.53 16.85
N LYS D 44 21.62 2.22 16.66
CA LYS D 44 22.65 1.27 17.04
C LYS D 44 23.17 0.56 15.80
N ALA D 45 24.14 -0.32 16.01
CA ALA D 45 24.77 -1.08 14.94
C ALA D 45 24.09 -2.42 14.77
N PRO D 46 24.28 -3.08 13.64
CA PRO D 46 23.74 -4.43 13.47
C PRO D 46 24.37 -5.43 14.43
N LYS D 47 23.63 -6.50 14.67
CA LYS D 47 24.15 -7.68 15.36
C LYS D 47 23.67 -8.89 14.59
N VAL D 48 24.56 -9.87 14.40
CA VAL D 48 24.20 -11.07 13.64
C VAL D 48 23.25 -11.94 14.45
N MET D 49 22.23 -12.45 13.77
CA MET D 49 21.28 -13.35 14.39
C MET D 49 21.30 -14.75 13.80
N ILE D 50 21.62 -14.88 12.52
CA ILE D 50 21.71 -16.15 11.82
C ILE D 50 22.83 -16.02 10.80
N TYR D 51 23.63 -17.06 10.68
CA TYR D 51 24.68 -17.11 9.68
C TYR D 51 24.67 -18.47 8.97
N GLU D 52 25.17 -18.52 7.76
CA GLU D 52 25.23 -19.75 6.97
C GLU D 52 23.87 -20.42 6.92
N VAL D 53 22.87 -19.68 6.50
CA VAL D 53 21.48 -20.06 6.39
C VAL D 53 20.71 -20.27 7.67
N ASN D 54 21.14 -21.19 8.51
CA ASN D 54 20.43 -21.54 9.70
C ASN D 54 21.20 -21.70 10.97
N LYS D 55 22.44 -21.31 11.00
CA LYS D 55 23.17 -21.43 12.25
C LYS D 55 22.83 -20.24 13.15
N ARG D 56 22.93 -20.48 14.44
CA ARG D 56 22.66 -19.48 15.43
C ARG D 56 23.95 -19.15 16.16
N PRO D 57 24.35 -17.88 16.25
CA PRO D 57 25.49 -17.54 17.10
C PRO D 57 25.16 -17.89 18.54
N SER D 58 26.21 -18.15 19.32
CA SER D 58 26.04 -18.47 20.74
C SER D 58 25.41 -17.29 21.46
N GLY D 59 24.11 -17.35 21.73
CA GLY D 59 23.46 -16.31 22.50
C GLY D 59 22.18 -15.75 21.90
N VAL D 60 21.70 -16.33 20.82
CA VAL D 60 20.53 -15.82 20.09
C VAL D 60 19.36 -16.78 20.37
N PRO D 61 18.22 -16.28 20.88
CA PRO D 61 17.12 -17.17 21.25
C PRO D 61 16.68 -18.08 20.11
N VAL D 62 16.27 -19.30 20.48
CA VAL D 62 16.02 -20.35 19.50
C VAL D 62 14.77 -20.05 18.68
N ARG D 63 14.03 -19.00 19.02
CA ARG D 63 12.87 -18.63 18.23
C ARG D 63 13.26 -17.86 16.97
N PHE D 64 14.55 -17.76 16.68
CA PHE D 64 15.05 -17.33 15.36
C PHE D 64 15.58 -18.54 14.61
N SER D 65 15.51 -18.45 13.28
CA SER D 65 15.83 -19.57 12.41
C SER D 65 15.80 -19.10 10.96
N GLY D 66 16.67 -19.67 10.12
CA GLY D 66 16.71 -19.34 8.72
C GLY D 66 16.37 -20.54 7.87
N SER D 67 16.11 -20.27 6.59
CA SER D 67 15.74 -21.29 5.63
C SER D 67 16.03 -20.75 4.23
N LYS D 68 16.16 -21.66 3.28
CA LYS D 68 16.39 -21.29 1.90
C LYS D 68 15.38 -22.03 1.04
N SER D 69 14.94 -21.39 -0.04
CA SER D 69 14.15 -22.06 -1.06
C SER D 69 14.53 -21.40 -2.38
N GLY D 70 15.26 -22.13 -3.22
CA GLY D 70 15.72 -21.53 -4.46
C GLY D 70 16.56 -20.30 -4.17
N ASN D 71 16.25 -19.20 -4.85
CA ASN D 71 16.94 -17.93 -4.67
C ASN D 71 16.28 -17.05 -3.61
N THR D 72 15.44 -17.62 -2.73
CA THR D 72 14.79 -16.87 -1.67
C THR D 72 15.14 -17.47 -0.31
N ALA D 73 15.78 -16.67 0.52
CA ALA D 73 16.00 -16.99 1.91
C ALA D 73 14.90 -16.34 2.74
N SER D 74 14.60 -16.94 3.89
CA SER D 74 13.57 -16.42 4.78
C SER D 74 14.04 -16.51 6.23
N LEU D 75 13.82 -15.44 6.98
CA LEU D 75 14.00 -15.45 8.43
C LEU D 75 12.63 -15.53 9.10
N THR D 76 12.52 -16.38 10.11
CA THR D 76 11.27 -16.57 10.85
C THR D 76 11.56 -16.37 12.33
N VAL D 77 10.85 -15.44 12.95
CA VAL D 77 10.86 -15.26 14.39
C VAL D 77 9.53 -15.75 14.92
N SER D 78 9.57 -16.73 15.82
CA SER D 78 8.42 -17.15 16.57
C SER D 78 8.39 -16.45 17.92
N GLY D 79 7.28 -16.61 18.63
CA GLY D 79 7.10 -16.08 19.97
C GLY D 79 7.60 -14.68 20.09
N LEU D 80 7.02 -13.79 19.28
CA LEU D 80 7.45 -12.39 19.22
C LEU D 80 7.42 -11.76 20.60
N GLN D 81 8.54 -11.17 20.99
CA GLN D 81 8.68 -10.33 22.18
C GLN D 81 9.07 -8.92 21.75
N HIS D 82 8.83 -7.93 22.61
CA HIS D 82 9.00 -6.55 22.18
C HIS D 82 10.44 -6.19 21.90
N GLU D 83 11.40 -6.88 22.55
CA GLU D 83 12.79 -6.60 22.27
C GLU D 83 13.15 -6.95 20.83
N ASP D 84 12.27 -7.66 20.13
CA ASP D 84 12.49 -8.11 18.77
C ASP D 84 11.98 -7.11 17.72
N GLU D 85 11.34 -6.02 18.15
CA GLU D 85 11.09 -4.92 17.25
C GLU D 85 12.43 -4.28 16.88
N ALA D 86 12.68 -4.19 15.59
CA ALA D 86 13.93 -3.66 15.05
C ALA D 86 13.90 -3.85 13.54
N ASP D 87 14.97 -3.43 12.88
CA ASP D 87 15.15 -3.67 11.46
C ASP D 87 15.99 -4.91 11.26
N TYR D 88 15.66 -5.66 10.21
CA TYR D 88 16.31 -6.93 9.94
C TYR D 88 16.80 -6.92 8.50
N TYR D 89 18.07 -7.27 8.29
CA TYR D 89 18.69 -7.31 6.98
C TYR D 89 19.25 -8.69 6.70
N CYS D 90 19.07 -9.17 5.47
CA CYS D 90 19.73 -10.38 5.01
C CYS D 90 21.00 -10.00 4.26
N CYS D 91 21.93 -10.93 4.22
CA CYS D 91 23.19 -10.78 3.53
C CYS D 91 23.54 -12.13 2.94
N SER D 92 24.05 -12.13 1.71
CA SER D 92 24.49 -13.37 1.06
C SER D 92 25.77 -13.10 0.30
N TYR D 93 26.60 -14.14 0.19
CA TYR D 93 27.69 -14.10 -0.77
C TYR D 93 27.12 -13.76 -2.14
N GLY D 94 27.81 -12.90 -2.87
CA GLY D 94 27.27 -12.38 -4.10
C GLY D 94 27.60 -13.17 -5.33
N GLY D 95 28.37 -14.25 -5.18
CA GLY D 95 28.78 -15.08 -6.26
C GLY D 95 30.17 -14.76 -6.81
N ARG D 96 30.58 -13.49 -6.79
CA ARG D 96 31.89 -13.10 -7.31
C ARG D 96 32.66 -12.33 -6.23
N ASN D 97 33.21 -13.06 -5.25
CA ASN D 97 34.13 -12.53 -4.23
C ASN D 97 33.53 -11.34 -3.51
N ASN D 98 32.35 -11.58 -2.96
CA ASN D 98 31.26 -10.62 -3.02
C ASN D 98 30.36 -10.74 -1.81
N LEU D 99 29.78 -9.61 -1.41
CA LEU D 99 28.69 -9.62 -0.44
C LEU D 99 27.57 -8.69 -0.92
N ILE D 100 26.33 -9.09 -0.61
CA ILE D 100 25.13 -8.37 -1.06
C ILE D 100 24.14 -8.32 0.11
N PHE D 101 23.67 -7.13 0.44
CA PHE D 101 22.75 -6.88 1.55
C PHE D 101 21.36 -6.53 1.05
N GLY D 102 20.34 -6.87 1.85
CA GLY D 102 18.98 -6.51 1.53
C GLY D 102 18.63 -5.04 1.81
N GLY D 103 17.37 -4.72 1.51
CA GLY D 103 16.88 -3.38 1.80
C GLY D 103 16.54 -3.18 3.26
N GLY D 104 16.04 -4.21 3.92
CA GLY D 104 15.67 -4.15 5.33
C GLY D 104 14.17 -4.22 5.54
N THR D 105 13.76 -4.94 6.59
CA THR D 105 12.38 -5.02 7.02
C THR D 105 12.27 -4.38 8.39
N LYS D 106 11.31 -3.46 8.54
CA LYS D 106 10.93 -3.03 9.87
C LYS D 106 10.03 -4.10 10.47
N LEU D 107 10.37 -4.57 11.65
CA LEU D 107 9.56 -5.56 12.36
C LEU D 107 8.97 -4.83 13.55
N THR D 108 7.66 -4.64 13.52
CA THR D 108 6.93 -4.06 14.63
C THR D 108 6.34 -5.20 15.47
N VAL D 109 6.54 -5.11 16.78
CA VAL D 109 5.75 -5.91 17.73
C VAL D 109 4.59 -5.03 18.16
N LEU D 110 3.39 -5.41 17.76
CA LEU D 110 2.20 -4.58 17.99
C LEU D 110 1.95 -4.42 19.49
N GLY D 111 2.17 -3.22 20.02
CA GLY D 111 1.88 -2.91 21.40
C GLY D 111 0.75 -1.94 21.53
N GLN D 112 -0.07 -1.87 20.49
CA GLN D 112 -0.99 -0.77 20.26
C GLN D 112 -1.98 -1.19 19.20
N PRO D 113 -3.16 -0.57 19.16
CA PRO D 113 -4.05 -0.78 18.01
C PRO D 113 -3.63 0.05 16.80
N LYS D 114 -3.83 -0.53 15.62
CA LYS D 114 -3.41 0.12 14.39
C LYS D 114 -4.16 1.43 14.19
N ALA D 115 -3.40 2.50 13.95
CA ALA D 115 -3.93 3.84 13.75
C ALA D 115 -3.63 4.29 12.32
N ALA D 116 -4.64 4.78 11.61
CA ALA D 116 -4.45 5.34 10.27
C ALA D 116 -3.87 6.75 10.35
N PRO D 117 -3.23 7.23 9.28
CA PRO D 117 -2.59 8.55 9.33
C PRO D 117 -3.58 9.69 9.25
N SER D 118 -3.31 10.74 10.03
CA SER D 118 -3.87 12.07 9.80
C SER D 118 -2.96 12.77 8.80
N VAL D 119 -3.55 13.32 7.74
CA VAL D 119 -2.81 13.90 6.62
C VAL D 119 -3.27 15.34 6.42
N THR D 120 -2.38 16.30 6.63
CA THR D 120 -2.65 17.67 6.28
C THR D 120 -1.76 18.06 5.12
N LEU D 121 -2.30 18.74 4.12
CA LEU D 121 -1.55 19.13 2.93
C LEU D 121 -1.73 20.61 2.62
N PHE D 122 -0.62 21.38 2.66
CA PHE D 122 -0.70 22.82 2.41
C PHE D 122 -0.19 23.16 1.02
N PRO D 123 -0.85 24.03 0.29
CA PRO D 123 -0.33 24.46 -1.01
C PRO D 123 0.77 25.48 -0.84
N PRO D 124 1.47 25.84 -1.92
CA PRO D 124 2.50 26.89 -1.82
C PRO D 124 1.97 28.20 -1.25
N SER D 125 2.75 28.78 -0.35
CA SER D 125 2.42 30.08 0.19
C SER D 125 2.60 31.14 -0.88
N SER D 126 1.71 32.12 -0.88
CA SER D 126 1.88 33.27 -1.75
C SER D 126 3.27 33.89 -1.58
N GLU D 127 3.70 34.08 -0.33
CA GLU D 127 5.08 34.51 -0.07
C GLU D 127 6.06 33.67 -0.88
N GLU D 128 5.87 32.34 -0.88
CA GLU D 128 6.79 31.48 -1.58
C GLU D 128 6.63 31.62 -3.07
N LEU D 129 5.38 31.70 -3.53
CA LEU D 129 5.12 31.89 -4.95
C LEU D 129 5.77 33.17 -5.44
N GLN D 130 5.58 34.28 -4.71
CA GLN D 130 6.16 35.55 -5.13
C GLN D 130 7.68 35.53 -5.10
N ALA D 131 8.29 34.54 -4.46
CA ALA D 131 9.73 34.31 -4.52
C ALA D 131 10.11 33.29 -5.58
N ASN D 132 9.25 33.10 -6.58
CA ASN D 132 9.49 32.20 -7.73
C ASN D 132 9.83 30.78 -7.29
N LYS D 133 9.25 30.35 -6.17
CA LYS D 133 9.40 28.98 -5.72
C LYS D 133 8.05 28.47 -5.24
N ALA D 134 7.92 27.17 -5.18
CA ALA D 134 6.69 26.55 -4.72
C ALA D 134 7.06 25.28 -3.99
N THR D 135 6.42 25.05 -2.84
CA THR D 135 6.63 23.83 -2.08
C THR D 135 5.29 23.32 -1.58
N LEU D 136 4.94 22.10 -1.97
CA LEU D 136 3.77 21.43 -1.44
C LEU D 136 4.19 20.60 -0.23
N VAL D 137 3.44 20.72 0.85
CA VAL D 137 3.84 20.19 2.16
C VAL D 137 2.80 19.20 2.62
N CYS D 138 3.20 17.95 2.80
CA CYS D 138 2.29 16.88 3.21
C CYS D 138 2.73 16.34 4.56
N LEU D 139 1.93 16.57 5.58
CA LEU D 139 2.27 16.18 6.95
C LEU D 139 1.45 14.99 7.38
N ILE D 140 2.12 13.98 7.93
CA ILE D 140 1.53 12.70 8.23
C ILE D 140 1.85 12.38 9.69
N SER D 141 0.82 12.25 10.52
CA SER D 141 1.02 12.03 11.95
C SER D 141 0.07 10.96 12.48
N ASP D 142 0.44 10.41 13.64
CA ASP D 142 -0.44 9.60 14.49
C ASP D 142 -0.77 8.24 13.87
N PHE D 143 0.16 7.67 13.11
CA PHE D 143 -0.05 6.37 12.49
C PHE D 143 0.81 5.30 13.16
N TYR D 144 0.31 4.06 13.13
CA TYR D 144 0.92 2.93 13.77
C TYR D 144 0.39 1.69 13.06
N PRO D 145 1.27 0.77 12.63
CA PRO D 145 2.73 0.74 12.80
C PRO D 145 3.50 1.75 11.93
N GLY D 146 4.80 1.92 12.21
CA GLY D 146 5.57 3.02 11.65
C GLY D 146 6.03 2.85 10.22
N ALA D 147 5.07 2.77 9.29
CA ALA D 147 5.40 2.46 7.91
C ALA D 147 4.31 3.03 7.03
N VAL D 148 4.69 3.83 6.03
CA VAL D 148 3.72 4.57 5.24
C VAL D 148 4.31 4.79 3.85
N THR D 149 3.43 4.92 2.86
CA THR D 149 3.88 5.18 1.49
C THR D 149 3.16 6.40 0.93
N VAL D 150 3.91 7.24 0.22
CA VAL D 150 3.41 8.50 -0.27
C VAL D 150 3.53 8.51 -1.79
N ALA D 151 2.46 8.87 -2.47
CA ALA D 151 2.48 9.06 -3.91
C ALA D 151 1.89 10.44 -4.19
N TRP D 152 2.52 11.18 -5.08
CA TRP D 152 1.98 12.46 -5.50
C TRP D 152 1.37 12.33 -6.89
N LYS D 153 0.24 13.02 -7.07
CA LYS D 153 -0.43 13.13 -8.35
C LYS D 153 -0.58 14.61 -8.70
N ALA D 154 -0.27 14.96 -9.95
CA ALA D 154 -0.59 16.27 -10.52
C ALA D 154 -1.75 16.01 -11.44
N ASP D 155 -2.93 16.45 -11.04
CA ASP D 155 -4.22 15.97 -11.57
C ASP D 155 -4.23 14.46 -11.35
N SER D 156 -4.20 13.64 -12.41
CA SER D 156 -4.20 12.18 -12.29
C SER D 156 -2.83 11.55 -12.48
N SER D 157 -1.92 12.21 -13.20
CA SER D 157 -0.63 11.61 -13.54
C SER D 157 0.25 11.44 -12.31
N PRO D 158 1.02 10.36 -12.24
CA PRO D 158 2.05 10.26 -11.19
C PRO D 158 3.07 11.36 -11.34
N VAL D 159 3.52 11.88 -10.21
CA VAL D 159 4.72 12.71 -10.15
C VAL D 159 5.75 11.96 -9.32
N LYS D 160 6.98 11.96 -9.80
CA LYS D 160 8.11 11.60 -8.96
C LYS D 160 9.15 12.70 -8.85
N ALA D 161 9.39 13.44 -9.94
CA ALA D 161 10.31 14.57 -9.88
C ALA D 161 9.86 15.56 -8.82
N GLY D 162 10.79 15.95 -7.95
CA GLY D 162 10.55 16.98 -6.97
C GLY D 162 10.25 16.47 -5.58
N VAL D 163 9.99 15.16 -5.43
CA VAL D 163 9.52 14.61 -4.17
C VAL D 163 10.69 14.37 -3.22
N GLU D 164 10.50 14.74 -1.97
CA GLU D 164 11.36 14.37 -0.87
C GLU D 164 10.45 13.91 0.26
N THR D 165 10.78 12.79 0.88
CA THR D 165 9.92 12.24 1.90
C THR D 165 10.75 11.80 3.09
N THR D 166 10.20 12.00 4.26
CA THR D 166 10.89 11.76 5.51
C THR D 166 10.73 10.30 5.93
N THR D 167 11.72 9.79 6.70
CA THR D 167 11.49 8.50 7.38
C THR D 167 10.57 8.71 8.57
N PRO D 168 9.66 7.77 8.83
CA PRO D 168 8.85 7.83 10.04
C PRO D 168 9.69 7.91 11.30
N SER D 169 9.16 8.62 12.30
CA SER D 169 9.83 8.83 13.56
C SER D 169 8.79 8.81 14.68
N LYS D 170 9.12 8.12 15.78
CA LYS D 170 8.17 7.94 16.86
C LYS D 170 7.79 9.28 17.47
N GLN D 171 6.49 9.55 17.54
CA GLN D 171 5.99 10.66 18.33
C GLN D 171 5.95 10.27 19.80
N SER D 172 5.62 11.27 20.65
CA SER D 172 5.59 11.05 22.09
C SER D 172 4.53 10.03 22.49
N ASN D 173 3.42 9.97 21.75
CA ASN D 173 2.34 9.02 21.99
C ASN D 173 2.64 7.63 21.45
N ASN D 174 3.86 7.41 20.96
CA ASN D 174 4.35 6.16 20.38
C ASN D 174 3.68 5.76 19.07
N LYS D 175 2.83 6.61 18.50
CA LYS D 175 2.59 6.52 17.07
C LYS D 175 3.71 7.29 16.35
N TYR D 176 3.61 7.40 15.02
CA TYR D 176 4.71 7.89 14.20
C TYR D 176 4.30 9.08 13.36
N ALA D 177 5.31 9.84 12.92
CA ALA D 177 5.08 10.96 12.02
C ALA D 177 6.03 10.88 10.84
N ALA D 178 5.73 11.68 9.81
CA ALA D 178 6.51 11.74 8.59
C ALA D 178 6.00 12.92 7.79
N SER D 179 6.81 13.37 6.85
CA SER D 179 6.50 14.55 6.04
C SER D 179 7.00 14.31 4.62
N SER D 180 6.37 14.96 3.66
CA SER D 180 6.76 14.81 2.28
C SER D 180 6.62 16.16 1.58
N TYR D 181 7.53 16.41 0.64
CA TYR D 181 7.69 17.72 0.03
C TYR D 181 7.81 17.57 -1.47
N LEU D 182 6.88 18.16 -2.20
CA LEU D 182 7.00 18.28 -3.64
C LEU D 182 7.46 19.69 -3.98
N SER D 183 8.64 19.80 -4.58
CA SER D 183 9.11 21.09 -5.07
C SER D 183 8.68 21.27 -6.54
N LEU D 184 8.10 22.45 -6.82
CA LEU D 184 7.56 22.81 -8.13
C LEU D 184 8.01 24.21 -8.52
N THR D 185 8.02 24.47 -9.83
CA THR D 185 8.02 25.86 -10.26
C THR D 185 6.62 26.45 -10.05
N PRO D 186 6.53 27.77 -9.81
CA PRO D 186 5.20 28.40 -9.72
C PRO D 186 4.29 28.11 -10.90
N GLU D 187 4.82 28.13 -12.13
CA GLU D 187 3.93 27.87 -13.26
C GLU D 187 3.60 26.40 -13.44
N GLN D 188 4.41 25.49 -12.88
CA GLN D 188 3.99 24.10 -12.81
C GLN D 188 2.79 23.93 -11.91
N TRP D 189 2.85 24.58 -10.74
CA TRP D 189 1.74 24.56 -9.78
C TRP D 189 0.49 25.15 -10.41
N LYS D 190 0.60 26.31 -11.06
CA LYS D 190 -0.53 26.92 -11.74
C LYS D 190 -0.91 26.19 -13.02
N SER D 191 -0.07 25.26 -13.50
CA SER D 191 -0.32 24.53 -14.73
C SER D 191 -1.35 23.44 -14.58
N HIS D 192 -1.62 22.98 -13.35
CA HIS D 192 -2.52 21.87 -13.13
C HIS D 192 -3.73 22.33 -12.34
N ARG D 193 -4.83 21.60 -12.53
CA ARG D 193 -6.04 21.89 -11.78
C ARG D 193 -5.89 21.50 -10.32
N SER D 194 -5.19 20.41 -10.04
CA SER D 194 -4.99 20.00 -8.64
C SER D 194 -3.69 19.23 -8.51
N TYR D 195 -3.25 19.13 -7.26
CA TYR D 195 -2.17 18.24 -6.83
C TYR D 195 -2.67 17.43 -5.64
N SER D 196 -2.27 16.16 -5.56
CA SER D 196 -2.78 15.28 -4.53
C SER D 196 -1.65 14.59 -3.81
N CYS D 197 -1.76 14.50 -2.47
CA CYS D 197 -0.87 13.72 -1.61
C CYS D 197 -1.63 12.50 -1.14
N GLN D 198 -1.20 11.33 -1.61
CA GLN D 198 -1.84 10.06 -1.29
C GLN D 198 -0.94 9.30 -0.35
N VAL D 199 -1.43 9.06 0.88
CA VAL D 199 -0.69 8.39 1.95
C VAL D 199 -1.31 7.00 2.15
N THR D 200 -0.56 5.97 1.79
CA THR D 200 -1.01 4.59 1.97
C THR D 200 -0.36 4.02 3.21
N HIS D 201 -1.18 3.39 4.05
CA HIS D 201 -0.76 2.84 5.34
C HIS D 201 -1.57 1.59 5.63
N GLU D 202 -0.88 0.50 5.97
CA GLU D 202 -1.54 -0.77 6.29
C GLU D 202 -2.56 -1.13 5.22
N GLY D 203 -2.22 -0.84 3.97
CA GLY D 203 -3.06 -1.22 2.85
C GLY D 203 -4.09 -0.21 2.36
N SER D 204 -4.34 0.88 3.10
CA SER D 204 -5.39 1.83 2.74
C SER D 204 -4.86 3.25 2.62
N THR D 205 -5.42 3.99 1.65
CA THR D 205 -4.88 5.29 1.26
C THR D 205 -5.71 6.44 1.79
N VAL D 206 -5.04 7.41 2.43
CA VAL D 206 -5.60 8.72 2.72
C VAL D 206 -5.04 9.72 1.69
N GLU D 207 -5.93 10.32 0.91
CA GLU D 207 -5.53 11.31 -0.09
C GLU D 207 -5.98 12.70 0.33
N LYS D 208 -5.14 13.69 0.04
CA LYS D 208 -5.51 15.08 0.19
C LYS D 208 -5.17 15.85 -1.08
N THR D 209 -6.03 16.81 -1.45
CA THR D 209 -5.85 17.55 -2.70
C THR D 209 -5.98 19.05 -2.46
N VAL D 210 -5.17 19.83 -3.19
CA VAL D 210 -5.19 21.30 -3.11
C VAL D 210 -5.03 21.87 -4.53
N ALA D 211 -5.61 23.04 -4.75
CA ALA D 211 -5.68 23.58 -6.10
C ALA D 211 -5.15 25.01 -6.13
N PRO D 212 -4.62 25.47 -7.27
CA PRO D 212 -4.02 26.79 -7.44
C PRO D 212 -4.96 27.99 -7.25
N SER E 5 -47.34 11.91 7.77
CA SER E 5 -45.97 11.45 7.57
C SER E 5 -45.02 12.63 7.50
N LYS E 6 -44.30 12.89 8.61
CA LYS E 6 -43.29 13.96 8.58
C LYS E 6 -42.02 13.53 7.88
N ARG E 7 -41.70 12.23 7.92
CA ARG E 7 -40.53 11.76 7.19
C ARG E 7 -40.66 12.08 5.72
N SER E 8 -41.86 11.85 5.15
CA SER E 8 -42.16 12.27 3.79
C SER E 8 -41.95 13.77 3.61
N PHE E 9 -42.40 14.57 4.58
CA PHE E 9 -42.40 16.00 4.37
C PHE E 9 -41.00 16.58 4.33
N ILE E 10 -40.15 16.17 5.29
CA ILE E 10 -38.81 16.76 5.32
C ILE E 10 -37.87 16.02 4.37
N GLU E 11 -38.13 14.76 4.04
CA GLU E 11 -37.29 14.12 3.05
C GLU E 11 -37.54 14.72 1.67
N ASP E 12 -38.79 15.07 1.36
CA ASP E 12 -39.07 15.73 0.09
C ASP E 12 -38.38 17.09 -0.01
N LEU E 13 -38.50 17.90 1.05
CA LEU E 13 -37.82 19.19 1.03
C LEU E 13 -36.31 19.01 0.91
N LEU E 14 -35.79 17.90 1.44
CA LEU E 14 -34.36 17.64 1.43
C LEU E 14 -33.82 17.38 0.03
N PHE E 15 -34.69 17.01 -0.91
CA PHE E 15 -34.30 16.81 -2.30
C PHE E 15 -34.91 17.87 -3.22
N ASN E 16 -35.02 19.11 -2.71
CA ASN E 16 -35.49 20.28 -3.47
C ASN E 16 -34.58 21.48 -3.18
N LYS E 17 -33.48 21.60 -3.93
CA LYS E 17 -32.47 22.64 -3.72
C LYS E 17 -31.93 22.62 -2.29
N PRO F 4 46.96 -19.45 11.45
CA PRO F 4 45.97 -19.41 10.36
C PRO F 4 44.72 -20.22 10.70
N SER F 5 43.69 -19.57 11.22
CA SER F 5 42.50 -20.30 11.63
C SER F 5 41.84 -20.97 10.43
N LYS F 6 41.03 -22.00 10.72
CA LYS F 6 40.20 -22.59 9.69
C LYS F 6 39.29 -21.53 9.04
N ARG F 7 38.68 -20.67 9.86
CA ARG F 7 37.80 -19.62 9.34
C ARG F 7 38.50 -18.77 8.29
N SER F 8 39.72 -18.33 8.59
CA SER F 8 40.46 -17.47 7.66
C SER F 8 40.82 -18.21 6.38
N PHE F 9 41.17 -19.50 6.47
CA PHE F 9 41.47 -20.32 5.30
C PHE F 9 40.26 -20.44 4.37
N ILE F 10 39.10 -20.78 4.93
CA ILE F 10 37.89 -20.99 4.11
C ILE F 10 37.35 -19.67 3.58
N GLU F 11 37.40 -18.60 4.39
CA GLU F 11 36.90 -17.31 3.92
C GLU F 11 37.72 -16.82 2.72
N ASP F 12 39.04 -16.93 2.81
CA ASP F 12 39.89 -16.39 1.75
C ASP F 12 39.70 -17.14 0.45
N LEU F 13 39.61 -18.47 0.50
CA LEU F 13 39.26 -19.23 -0.70
C LEU F 13 37.97 -18.69 -1.32
N LEU F 14 36.95 -18.51 -0.49
CA LEU F 14 35.63 -18.02 -0.90
C LEU F 14 35.73 -16.71 -1.67
N PHE F 15 36.50 -15.76 -1.16
CA PHE F 15 36.65 -14.47 -1.81
C PHE F 15 37.81 -14.44 -2.80
N ASN F 16 38.19 -15.60 -3.34
CA ASN F 16 39.20 -15.73 -4.39
C ASN F 16 38.74 -16.65 -5.52
N LYS F 17 37.57 -16.38 -6.10
CA LYS F 17 37.06 -17.16 -7.22
C LYS F 17 37.20 -16.39 -8.54
N VAL F 18 37.19 -17.15 -9.64
CA VAL F 18 37.30 -16.63 -11.01
C VAL F 18 38.38 -15.56 -11.15
#